data_7WFW
#
_entry.id   7WFW
#
_cell.length_a   1.00
_cell.length_b   1.00
_cell.length_c   1.00
_cell.angle_alpha   90.00
_cell.angle_beta   90.00
_cell.angle_gamma   90.00
#
_symmetry.space_group_name_H-M   'P 1'
#
loop_
_entity.id
_entity.type
_entity.pdbx_description
1 polymer 'Sodium channel protein type 10 subunit alpha'
2 branched 2-acetamido-2-deoxy-beta-D-glucopyranose-(1-4)-2-acetamido-2-deoxy-beta-D-glucopyranose
3 non-polymer 2-acetamido-2-deoxy-beta-D-glucopyranose
4 non-polymer CHOLESTEROL
5 non-polymer 1,2-DIOLEOYL-SN-GLYCERO-3-PHOSPHOCHOLINE
6 non-polymer 1-O-OCTADECYL-SN-GLYCERO-3-PHOSPHOCHOLINE
7 non-polymer O-[(R)-{[(2R)-2,3-bis(octadecanoyloxy)propyl]oxy}(hydroxy)phosphoryl]-L-serine
#
_entity_poly.entity_id   1
_entity_poly.type   'polypeptide(L)'
_entity_poly.pdbx_seq_one_letter_code
;MEFPIGSLETNNFRRFTPESLVEIEKQIAAKQGTKKAREKHREQKDQEEKPRPQLDLKACNQLPKFYGELPAELIGEPLE
DLDPFYSTHRTFMVLNKGRTISRFSATRALWLFSPFNLIRRTAIKVSVHSWFSLFITVTILVNCVCMTRTDLPEKIEYVF
TVIYTFEALIKILARGFCLNEFTYLRDPWNWLDFSVITLAYVGTAIDLRGISGLRTFRVLRALKTVSVIPGLKVIVGALI
HSVKKLADVTILTIFCLSVFALVGLQLFKGNLKNKCVKNDMAVNETTNYSSHRKPDIYINKRGTSDPLLCGNGSDSGHCP
DGYICLKTSDNPDFNYTSFDSFAWAFLSLFRLMTQDSWERLYQQTLRTSGKIYMIFFVLVIFLGSFYLVNLILAVVTMAY
EEQNQATTDEIEAKEKKFQEALEMLRKEQEVLAALGIDTTSLHSHNGSPLTSKNASERRHRIKPRVSEGSTEDNKSPRSD
PYNQRRMSFLGLASGKRRASHGSVFHFRSPGRDISLPEGVTDDGVFPGDHESHRGSLLLGGGAGQQGPLPRSPLPQPSNP
DSRHGEDEHQPPPTSELAPGAVDVSAFDAGQKKTFLSAEYLDEPFRAQRAMSVVSIITSVLEELEESEQKCPPCLTSLSQ
KYLIWDCCPMWVKLKTILFGLVTDPFAELTITLCIVVNTIFMAMEHHGMSPTFEAMLQIGNIVFTIFFTAEMVFKIIAFD
PYYYFQKKWNIFDCIIVTVSLLELGVAKKGSLSVLRSFRLLRVFKLAKSWPTLNTLIKIIGNSVGALGNLTIILAIIVFV
FALVGKQLLGENYRNNRKNISAPHEDWPRWHMHDFFHSFLIVFRILCGEWIENMWACMEVGQKSICLILFLTVMVLGNLV
VLNLFIALLLNSFFADNLTAPEDDGEVNNLQVALARIQVFGHRTKQALCSFFSRSCPFPQPKAEPELVVKLPLSSSKAEN
HIAANTARGSSGGLQAPRGPRDEHSDFIANPTVWVSVPIAEGESDLDDLEDDGGEDAQSFQQEVIPKGQQEQLQQVERCG
DHLTPRSPGTGTSSEDLAPSLGETWKDESVPQVPAEGVDDTSSSEGSTVDCLDPEEILRKIPELADDLEEPDDCFTEGCI
RHCPCCKLDTTKSPWDVGWQVRKTCYRIVEHSWFESFIIFMILLSSGSLAFEDYYLDQKPTVKALLEYTDRVFTFIFVFE
MLLKWVAYGFKKYFTNAWCWLDFLIVNISLISLTAKILEYSEVAPIKALRTLRALRPLRALSRFEGMRVVVDALVGAIPS
IMNVLLVCLIFWLIFSIMGVNLFAGKFWRCINYTDGEFSLVPLSIVNNKSDCKIQNSTGSFFWVNVKVNFDNVAMGYLAL
LQVATFKGWMDIMYAAVDSREVNMQPKWEDNVYMYLYFVIFIIFGGFFTLNLFVGVIIDNFNQQKKKLGGQDIFMTEEQK
KYYNAMKKLGSKKPQKPIPRPLNKFQGFVFDIVTRQAFDITIMVLICLNMITMMVETDDQSEEKTKILGKINQFFVAVFT
GECVMKMFALRQYYFTNGWNVFDFIVVVLSIASLIFSAILKSLQSYFSPTLFRVIRLARIGRILRLIRAAKGIRTLLFAL
MMSLPALFNIGLLLFLVMFIYSIFGMSSFPHVRWEAGIDDMFNFQTFANSMLCLFQITTSAGWDGLLSPILNTGPPYCDP
NLPNSNGTRGDCGSPAVGIIFFTTYIIISFLIMVNMYIAVILENFNVATEESTEPLSEDDFDMFYETWEKFDPEATQFIT
FSALSDFADTLSGPLRIPKPNRNILIQMDLPLVPGDKIHCLDILFAFTKNVLGESGELDSLKANMEEKFMATNLSKSSYE
PIATTLRWKQEDISATVIQKAYRSYVLHRSMALSNTPCVPRAEEEAASLPDEGFVAFTANENCVLPDKSETASATSFPPS
YESVTRGLSDRVNMRTSSSIQNEDEATSMELIAPGP
;
_entity_poly.pdbx_strand_id   A
#
# COMPACT_ATOMS: atom_id res chain seq x y z
N LEU A 232 -3.73 -14.15 32.75
CA LEU A 232 -3.19 -14.57 31.46
C LEU A 232 -4.00 -15.73 30.88
N LYS A 233 -4.44 -16.66 31.74
CA LYS A 233 -5.15 -17.84 31.26
C LYS A 233 -6.50 -17.48 30.66
N VAL A 234 -7.22 -16.56 31.29
CA VAL A 234 -8.55 -16.21 30.82
C VAL A 234 -8.48 -15.64 29.41
N ILE A 235 -7.45 -14.84 29.12
CA ILE A 235 -7.36 -14.23 27.80
C ILE A 235 -6.77 -15.22 26.80
N VAL A 236 -5.87 -16.11 27.24
CA VAL A 236 -5.30 -17.08 26.32
C VAL A 236 -6.36 -18.05 25.82
N GLY A 237 -7.30 -18.42 26.70
CA GLY A 237 -8.44 -19.20 26.23
C GLY A 237 -9.22 -18.48 25.14
N ALA A 238 -9.38 -17.17 25.29
CA ALA A 238 -10.06 -16.39 24.26
C ALA A 238 -9.26 -16.34 22.95
N LEU A 239 -7.93 -16.27 23.05
CA LEU A 239 -7.12 -16.35 21.83
C LEU A 239 -7.29 -17.71 21.15
N ILE A 240 -7.36 -18.78 21.93
CA ILE A 240 -7.63 -20.09 21.34
C ILE A 240 -8.96 -20.06 20.61
N HIS A 241 -9.96 -19.38 21.20
CA HIS A 241 -11.25 -19.25 20.52
C HIS A 241 -11.13 -18.47 19.21
N SER A 242 -10.31 -17.42 19.20
CA SER A 242 -10.14 -16.65 17.97
C SER A 242 -9.47 -17.48 16.89
N VAL A 243 -8.57 -18.38 17.28
CA VAL A 243 -7.98 -19.33 16.33
C VAL A 243 -9.03 -20.31 15.83
N LYS A 244 -9.93 -20.73 16.72
CA LYS A 244 -11.03 -21.60 16.30
C LYS A 244 -11.90 -20.92 15.26
N LYS A 245 -12.20 -19.64 15.44
CA LYS A 245 -13.11 -18.96 14.52
C LYS A 245 -12.51 -18.82 13.12
N LEU A 246 -11.20 -19.03 12.98
CA LEU A 246 -10.59 -18.96 11.66
C LEU A 246 -10.83 -20.24 10.87
N ALA A 247 -11.79 -21.05 11.29
CA ALA A 247 -12.00 -22.40 10.74
C ALA A 247 -12.21 -22.43 9.23
N ASP A 248 -13.28 -21.80 8.74
CA ASP A 248 -13.58 -21.85 7.32
C ASP A 248 -12.71 -20.89 6.52
N VAL A 249 -12.25 -19.81 7.14
CA VAL A 249 -11.43 -18.84 6.43
C VAL A 249 -10.09 -19.46 6.05
N THR A 250 -9.57 -20.34 6.90
CA THR A 250 -8.35 -21.06 6.53
C THR A 250 -8.59 -21.97 5.32
N ILE A 251 -9.72 -22.66 5.28
CA ILE A 251 -10.05 -23.50 4.14
C ILE A 251 -10.12 -22.65 2.87
N LEU A 252 -10.87 -21.56 2.92
CA LEU A 252 -11.05 -20.73 1.73
C LEU A 252 -9.73 -20.12 1.28
N THR A 253 -8.92 -19.66 2.23
CA THR A 253 -7.65 -19.08 1.88
C THR A 253 -6.74 -20.11 1.22
N ILE A 254 -6.74 -21.34 1.73
CA ILE A 254 -5.91 -22.38 1.13
C ILE A 254 -6.39 -22.69 -0.28
N PHE A 255 -7.71 -22.74 -0.49
CA PHE A 255 -8.22 -23.06 -1.81
C PHE A 255 -7.86 -21.98 -2.81
N CYS A 256 -8.10 -20.72 -2.48
CA CYS A 256 -7.77 -19.65 -3.41
C CYS A 256 -6.27 -19.55 -3.64
N LEU A 257 -5.48 -19.73 -2.58
CA LEU A 257 -4.04 -19.68 -2.74
C LEU A 257 -3.57 -20.79 -3.68
N SER A 258 -4.23 -21.96 -3.61
CA SER A 258 -3.88 -23.07 -4.48
C SER A 258 -4.29 -22.83 -5.93
N VAL A 259 -5.52 -22.34 -6.15
CA VAL A 259 -5.96 -22.07 -7.51
C VAL A 259 -5.07 -21.02 -8.16
N PHE A 260 -4.77 -19.95 -7.45
CA PHE A 260 -3.91 -18.92 -8.00
C PHE A 260 -2.49 -19.45 -8.14
N ALA A 261 -2.13 -20.45 -7.34
CA ALA A 261 -0.82 -21.09 -7.50
C ALA A 261 -0.75 -21.86 -8.79
N LEU A 262 -1.84 -22.55 -9.15
CA LEU A 262 -1.87 -23.31 -10.38
C LEU A 262 -1.90 -22.40 -11.60
N VAL A 263 -2.65 -21.30 -11.51
CA VAL A 263 -2.62 -20.31 -12.58
C VAL A 263 -1.22 -19.75 -12.77
N GLY A 264 -0.57 -19.33 -11.69
CA GLY A 264 0.79 -18.81 -11.82
C GLY A 264 1.76 -19.84 -12.34
N LEU A 265 1.64 -21.08 -11.84
CA LEU A 265 2.51 -22.16 -12.29
C LEU A 265 2.33 -22.44 -13.77
N GLN A 266 1.09 -22.39 -14.25
CA GLN A 266 0.81 -22.63 -15.66
C GLN A 266 1.38 -21.51 -16.52
N LEU A 267 1.14 -20.26 -16.14
CA LEU A 267 1.50 -19.16 -17.04
C LEU A 267 2.99 -18.86 -17.04
N PHE A 268 3.65 -18.90 -15.88
CA PHE A 268 4.99 -18.33 -15.78
C PHE A 268 6.10 -19.34 -15.50
N LYS A 269 5.82 -20.64 -15.52
CA LYS A 269 6.82 -21.57 -15.01
C LYS A 269 8.10 -21.42 -15.81
N GLY A 270 9.21 -21.30 -15.12
CA GLY A 270 10.47 -21.16 -15.79
C GLY A 270 10.73 -19.81 -16.42
N ASN A 271 9.86 -18.82 -16.19
CA ASN A 271 10.06 -17.50 -16.78
C ASN A 271 11.04 -16.64 -16.00
N LEU A 272 11.04 -16.72 -14.67
CA LEU A 272 12.01 -15.96 -13.89
C LEU A 272 13.42 -16.46 -14.12
N LYS A 273 13.59 -17.42 -15.05
CA LYS A 273 14.92 -17.92 -15.39
C LYS A 273 15.54 -17.22 -16.59
N ASN A 274 14.77 -16.37 -17.27
CA ASN A 274 15.28 -15.73 -18.47
C ASN A 274 16.21 -14.61 -18.06
N LYS A 275 17.47 -14.70 -18.46
CA LYS A 275 18.46 -13.69 -18.03
C LYS A 275 19.45 -13.32 -19.15
N CYS A 276 19.65 -12.02 -19.39
CA CYS A 276 20.53 -11.59 -20.47
C CYS A 276 21.93 -12.13 -20.28
N VAL A 277 22.40 -12.85 -21.29
CA VAL A 277 23.73 -13.46 -21.27
C VAL A 277 24.44 -13.15 -22.58
N LYS A 278 25.63 -12.61 -22.49
CA LYS A 278 26.35 -12.13 -23.66
C LYS A 278 26.59 -13.24 -24.65
N ASN A 279 27.04 -12.87 -25.85
CA ASN A 279 27.47 -13.82 -26.86
C ASN A 279 28.36 -13.09 -27.86
N ASP A 280 29.41 -13.76 -28.30
CA ASP A 280 30.30 -13.23 -29.32
C ASP A 280 29.59 -12.95 -30.64
N PRO A 295 31.26 -21.01 -19.66
CA PRO A 295 30.30 -20.62 -18.63
C PRO A 295 29.22 -19.68 -19.14
N ASP A 296 28.88 -18.69 -18.31
CA ASP A 296 27.93 -17.66 -18.67
C ASP A 296 28.51 -16.29 -18.33
N ILE A 297 28.28 -15.32 -19.21
CA ILE A 297 28.71 -13.95 -19.01
C ILE A 297 27.46 -13.09 -18.97
N TYR A 298 27.15 -12.54 -17.81
CA TYR A 298 25.95 -11.74 -17.68
C TYR A 298 26.31 -10.26 -17.71
N ILE A 299 25.34 -9.42 -17.41
CA ILE A 299 25.60 -8.05 -16.98
C ILE A 299 24.59 -7.72 -15.89
N ASN A 300 25.05 -7.03 -14.87
CA ASN A 300 24.22 -6.77 -13.70
C ASN A 300 23.14 -5.76 -14.07
N LYS A 301 22.07 -5.75 -13.30
CA LYS A 301 21.08 -4.70 -13.45
C LYS A 301 21.64 -3.41 -12.88
N ARG A 302 21.52 -2.32 -13.64
CA ARG A 302 22.16 -1.05 -13.29
C ARG A 302 21.81 -0.59 -11.89
N GLY A 303 22.86 -0.34 -11.10
CA GLY A 303 22.71 0.10 -9.73
C GLY A 303 22.41 -1.00 -8.74
N THR A 304 22.47 -2.25 -9.16
CA THR A 304 22.20 -3.40 -8.32
C THR A 304 23.14 -4.50 -8.78
N SER A 305 23.10 -5.65 -8.11
CA SER A 305 23.95 -6.75 -8.54
C SER A 305 23.17 -7.97 -9.01
N ASP A 306 21.84 -7.91 -8.98
CA ASP A 306 21.05 -9.02 -9.48
C ASP A 306 21.30 -9.23 -10.97
N PRO A 307 21.26 -10.46 -11.45
CA PRO A 307 21.29 -10.68 -12.90
C PRO A 307 20.03 -10.12 -13.52
N LEU A 308 20.17 -9.64 -14.75
CA LEU A 308 19.07 -8.97 -15.43
C LEU A 308 18.05 -9.96 -15.94
N LEU A 309 16.78 -9.69 -15.65
CA LEU A 309 15.67 -10.49 -16.17
C LEU A 309 15.14 -9.84 -17.45
N CYS A 310 14.65 -10.68 -18.34
CA CYS A 310 14.51 -10.36 -19.75
C CYS A 310 13.43 -11.21 -20.39
N GLY A 311 13.28 -11.03 -21.70
CA GLY A 311 12.24 -11.70 -22.46
C GLY A 311 12.47 -11.52 -23.95
N ASN A 312 12.00 -12.49 -24.72
CA ASN A 312 12.03 -12.42 -26.17
C ASN A 312 10.76 -11.79 -26.74
N GLY A 313 9.75 -11.56 -25.92
CA GLY A 313 8.52 -10.93 -26.35
C GLY A 313 8.71 -9.47 -26.72
N SER A 314 7.60 -8.79 -26.92
CA SER A 314 7.69 -7.40 -27.35
C SER A 314 7.54 -6.43 -26.21
N ASP A 315 6.53 -6.60 -25.35
CA ASP A 315 6.34 -5.74 -24.19
C ASP A 315 6.91 -6.37 -22.93
N SER A 316 7.82 -7.31 -23.07
CA SER A 316 8.24 -8.10 -21.93
C SER A 316 9.48 -7.53 -21.27
N GLY A 317 10.47 -7.14 -22.05
CA GLY A 317 11.68 -6.61 -21.45
C GLY A 317 12.82 -6.98 -22.35
N HIS A 318 13.77 -6.08 -22.54
CA HIS A 318 14.70 -6.20 -23.65
C HIS A 318 16.13 -6.16 -23.16
N CYS A 319 16.99 -6.85 -23.87
CA CYS A 319 18.38 -6.92 -23.51
C CYS A 319 19.12 -5.80 -24.22
N PRO A 320 20.24 -5.33 -23.68
CA PRO A 320 21.07 -4.37 -24.41
C PRO A 320 21.71 -5.02 -25.63
N ASP A 321 22.55 -4.26 -26.31
CA ASP A 321 23.17 -4.80 -27.52
C ASP A 321 24.13 -5.92 -27.16
N GLY A 322 24.06 -7.02 -27.90
CA GLY A 322 24.92 -8.16 -27.66
C GLY A 322 24.44 -9.11 -26.60
N TYR A 323 23.14 -9.12 -26.30
CA TYR A 323 22.62 -9.87 -25.17
C TYR A 323 21.35 -10.57 -25.64
N ILE A 324 21.35 -11.89 -25.55
CA ILE A 324 20.24 -12.72 -26.01
C ILE A 324 19.54 -13.32 -24.81
N CYS A 325 18.24 -13.14 -24.73
CA CYS A 325 17.51 -13.57 -23.55
C CYS A 325 17.46 -15.08 -23.50
N LEU A 326 18.38 -15.70 -22.74
CA LEU A 326 18.51 -17.15 -22.67
C LEU A 326 17.97 -17.68 -21.36
N LYS A 327 17.17 -18.74 -21.42
CA LYS A 327 16.70 -19.43 -20.22
C LYS A 327 17.81 -20.28 -19.62
N THR A 328 18.17 -19.98 -18.37
CA THR A 328 19.30 -20.62 -17.70
C THR A 328 18.86 -21.32 -16.43
N SER A 329 19.82 -21.94 -15.75
CA SER A 329 19.52 -22.90 -14.69
C SER A 329 19.01 -22.22 -13.42
N ASP A 330 19.65 -21.14 -12.98
CA ASP A 330 19.34 -20.59 -11.68
C ASP A 330 18.16 -19.64 -11.71
N ASN A 331 17.56 -19.43 -10.55
CA ASN A 331 16.47 -18.50 -10.35
C ASN A 331 16.99 -17.18 -9.78
N PRO A 332 16.11 -16.15 -9.57
CA PRO A 332 16.65 -14.81 -9.32
C PRO A 332 17.40 -14.67 -8.01
N ASP A 333 16.67 -14.95 -6.93
CA ASP A 333 16.95 -14.40 -5.62
C ASP A 333 18.05 -15.16 -4.91
N PHE A 334 17.76 -16.40 -4.58
CA PHE A 334 18.71 -17.36 -4.12
C PHE A 334 18.23 -18.74 -4.57
N ASN A 335 17.40 -18.73 -5.62
CA ASN A 335 16.61 -19.83 -6.15
C ASN A 335 15.31 -20.08 -5.37
N TYR A 336 14.83 -19.15 -4.57
CA TYR A 336 13.64 -19.45 -3.78
C TYR A 336 12.35 -18.85 -4.33
N THR A 337 12.40 -17.75 -5.05
CA THR A 337 11.20 -17.17 -5.64
C THR A 337 11.17 -17.51 -7.12
N SER A 338 10.11 -18.22 -7.49
CA SER A 338 9.88 -18.71 -8.83
C SER A 338 8.48 -19.26 -8.83
N PHE A 339 8.10 -19.86 -9.95
CA PHE A 339 6.81 -20.51 -10.09
C PHE A 339 6.97 -21.94 -10.59
N ASP A 340 8.22 -22.42 -10.63
CA ASP A 340 8.60 -23.63 -11.36
C ASP A 340 7.86 -24.89 -10.92
N SER A 341 7.34 -24.95 -9.71
CA SER A 341 6.58 -26.10 -9.26
C SER A 341 5.60 -25.64 -8.22
N PHE A 342 4.57 -26.46 -7.97
CA PHE A 342 3.41 -25.92 -7.26
C PHE A 342 3.79 -25.50 -5.84
N ALA A 343 4.83 -26.08 -5.27
CA ALA A 343 5.24 -25.70 -3.92
C ALA A 343 5.83 -24.28 -3.91
N TRP A 344 6.76 -24.00 -4.83
CA TRP A 344 7.25 -22.64 -4.94
C TRP A 344 6.12 -21.68 -5.30
N ALA A 345 5.14 -22.15 -6.06
CA ALA A 345 4.03 -21.31 -6.46
C ALA A 345 3.15 -20.95 -5.29
N PHE A 346 2.93 -21.89 -4.37
CA PHE A 346 2.21 -21.56 -3.14
C PHE A 346 3.02 -20.62 -2.26
N LEU A 347 4.35 -20.76 -2.27
CA LEU A 347 5.16 -19.79 -1.56
C LEU A 347 4.97 -18.39 -2.12
N SER A 348 5.05 -18.24 -3.45
CA SER A 348 4.93 -16.91 -4.06
C SER A 348 3.53 -16.33 -3.90
N LEU A 349 2.49 -17.16 -3.99
CA LEU A 349 1.15 -16.64 -3.75
C LEU A 349 0.88 -16.34 -2.27
N PHE A 350 1.57 -16.99 -1.34
CA PHE A 350 1.51 -16.53 0.05
C PHE A 350 2.20 -15.18 0.20
N ARG A 351 3.36 -15.01 -0.44
CA ARG A 351 4.01 -13.71 -0.44
C ARG A 351 3.10 -12.63 -0.99
N LEU A 352 2.28 -12.98 -1.98
CA LEU A 352 1.36 -12.00 -2.56
C LEU A 352 0.13 -11.77 -1.67
N MET A 353 -0.30 -12.77 -0.90
CA MET A 353 -1.46 -12.53 -0.05
C MET A 353 -1.14 -11.59 1.11
N THR A 354 0.04 -11.74 1.69
CA THR A 354 0.45 -10.83 2.76
C THR A 354 1.17 -9.60 2.22
N GLN A 355 1.37 -9.52 0.91
CA GLN A 355 1.89 -8.34 0.23
C GLN A 355 3.31 -8.00 0.68
N ASP A 356 4.04 -8.97 1.18
CA ASP A 356 5.41 -8.73 1.56
C ASP A 356 6.28 -8.64 0.32
N SER A 357 6.78 -7.43 0.03
CA SER A 357 7.71 -7.20 -1.06
C SER A 357 7.18 -7.75 -2.38
N TRP A 358 5.87 -7.72 -2.56
CA TRP A 358 5.28 -8.16 -3.82
C TRP A 358 5.72 -7.30 -4.99
N GLU A 359 5.82 -5.99 -4.81
CA GLU A 359 6.29 -5.10 -5.87
C GLU A 359 7.50 -5.65 -6.62
N ARG A 360 8.36 -6.39 -5.94
CA ARG A 360 9.56 -6.93 -6.59
C ARG A 360 9.21 -8.15 -7.45
N LEU A 361 8.28 -8.98 -6.99
CA LEU A 361 7.87 -10.13 -7.79
C LEU A 361 7.04 -9.68 -8.99
N TYR A 362 6.19 -8.68 -8.79
CA TYR A 362 5.45 -8.05 -9.89
C TYR A 362 6.40 -7.51 -10.95
N GLN A 363 7.44 -6.79 -10.52
CA GLN A 363 8.48 -6.40 -11.47
C GLN A 363 9.05 -7.58 -12.22
N GLN A 364 9.45 -8.63 -11.51
CA GLN A 364 10.17 -9.72 -12.16
C GLN A 364 9.29 -10.49 -13.14
N THR A 365 8.06 -10.83 -12.76
CA THR A 365 7.24 -11.61 -13.67
C THR A 365 6.74 -10.77 -14.84
N LEU A 366 6.51 -9.47 -14.64
CA LEU A 366 6.20 -8.64 -15.80
C LEU A 366 7.41 -8.47 -16.70
N ARG A 367 8.60 -8.45 -16.13
CA ARG A 367 9.79 -8.26 -16.95
C ARG A 367 10.08 -9.52 -17.74
N THR A 368 9.73 -10.68 -17.20
CA THR A 368 10.01 -11.95 -17.86
C THR A 368 8.90 -12.40 -18.79
N SER A 369 7.66 -12.29 -18.40
CA SER A 369 6.60 -12.78 -19.27
C SER A 369 5.91 -11.71 -20.10
N GLY A 370 5.67 -10.51 -19.58
CA GLY A 370 5.13 -9.43 -20.40
C GLY A 370 4.14 -8.55 -19.68
N LYS A 371 4.10 -7.28 -20.04
CA LYS A 371 3.36 -6.32 -19.26
C LYS A 371 1.93 -6.82 -19.17
N ILE A 372 1.45 -7.45 -20.24
CA ILE A 372 0.05 -7.79 -20.30
C ILE A 372 -0.35 -8.67 -19.12
N TYR A 373 0.61 -9.27 -18.44
CA TYR A 373 0.32 -10.18 -17.33
C TYR A 373 0.07 -9.45 -16.03
N MET A 374 0.20 -8.12 -16.04
CA MET A 374 -0.25 -7.28 -14.95
C MET A 374 -1.72 -7.53 -14.59
N ILE A 375 -2.47 -8.17 -15.48
CA ILE A 375 -3.86 -8.50 -15.17
C ILE A 375 -3.92 -9.58 -14.10
N PHE A 376 -2.85 -10.36 -13.97
CA PHE A 376 -2.84 -11.41 -12.96
C PHE A 376 -2.73 -10.79 -11.58
N PHE A 377 -1.82 -9.82 -11.42
CA PHE A 377 -1.58 -9.22 -10.12
C PHE A 377 -2.71 -8.30 -9.71
N VAL A 378 -3.33 -7.61 -10.66
CA VAL A 378 -4.53 -6.84 -10.35
C VAL A 378 -5.59 -7.75 -9.75
N LEU A 379 -5.54 -9.02 -10.12
CA LEU A 379 -6.64 -9.92 -9.81
C LEU A 379 -6.33 -10.79 -8.61
N VAL A 380 -5.04 -11.03 -8.37
CA VAL A 380 -4.59 -11.75 -7.19
C VAL A 380 -4.28 -10.84 -5.99
N ILE A 381 -4.36 -9.52 -6.18
CA ILE A 381 -4.04 -8.59 -5.10
C ILE A 381 -5.42 -8.15 -4.63
N PHE A 382 -6.36 -7.98 -5.55
CA PHE A 382 -7.71 -7.66 -5.11
C PHE A 382 -8.34 -8.85 -4.41
N LEU A 383 -8.12 -10.06 -4.93
CA LEU A 383 -8.71 -11.23 -4.28
C LEU A 383 -7.84 -11.77 -3.18
N GLY A 384 -6.54 -11.91 -3.44
CA GLY A 384 -5.70 -12.40 -2.37
C GLY A 384 -5.50 -11.39 -1.27
N SER A 385 -4.73 -10.34 -1.52
CA SER A 385 -4.38 -9.43 -0.44
C SER A 385 -5.60 -8.74 0.14
N PHE A 386 -6.26 -7.90 -0.65
CA PHE A 386 -7.33 -7.06 -0.12
C PHE A 386 -8.45 -7.91 0.48
N TYR A 387 -8.93 -8.90 -0.27
CA TYR A 387 -10.10 -9.64 0.19
C TYR A 387 -9.79 -10.59 1.33
N LEU A 388 -8.68 -11.33 1.23
CA LEU A 388 -8.46 -12.43 2.17
C LEU A 388 -7.98 -11.91 3.52
N VAL A 389 -7.56 -10.63 3.56
CA VAL A 389 -7.32 -9.96 4.84
C VAL A 389 -8.63 -9.46 5.44
N ASN A 390 -9.58 -9.08 4.60
CA ASN A 390 -10.86 -8.57 5.10
C ASN A 390 -11.77 -9.70 5.56
N LEU A 391 -11.36 -10.94 5.37
CA LEU A 391 -12.05 -12.05 6.01
C LEU A 391 -11.50 -12.31 7.40
N ILE A 392 -10.19 -12.10 7.58
CA ILE A 392 -9.56 -12.31 8.87
C ILE A 392 -9.99 -11.22 9.84
N LEU A 393 -9.98 -9.96 9.38
CA LEU A 393 -10.31 -8.84 10.24
C LEU A 393 -11.78 -8.87 10.65
N ALA A 394 -12.62 -9.54 9.86
CA ALA A 394 -14.06 -9.50 10.08
C ALA A 394 -14.54 -10.73 10.83
N VAL A 395 -13.65 -11.69 11.09
CA VAL A 395 -14.03 -12.87 11.86
C VAL A 395 -13.39 -12.83 13.23
N VAL A 396 -12.20 -12.24 13.34
CA VAL A 396 -11.63 -11.94 14.65
C VAL A 396 -12.56 -11.04 15.44
N THR A 397 -13.08 -10.00 14.78
CA THR A 397 -13.97 -9.05 15.44
C THR A 397 -15.14 -9.75 16.10
N MET A 398 -15.83 -10.59 15.35
CA MET A 398 -16.94 -11.34 15.93
C MET A 398 -16.50 -12.25 17.07
N ALA A 399 -15.36 -12.91 16.94
CA ALA A 399 -14.86 -13.70 18.05
C ALA A 399 -14.65 -12.85 19.29
N TYR A 400 -14.28 -11.59 19.14
CA TYR A 400 -13.98 -10.73 20.29
C TYR A 400 -15.24 -10.06 20.79
N GLU A 401 -16.16 -9.71 19.90
CA GLU A 401 -17.48 -9.30 20.34
C GLU A 401 -18.21 -10.46 21.03
N GLU A 402 -18.08 -11.66 20.47
CA GLU A 402 -18.76 -12.81 21.07
C GLU A 402 -18.24 -13.09 22.46
N GLN A 403 -16.92 -13.00 22.64
CA GLN A 403 -16.32 -13.16 23.97
C GLN A 403 -16.88 -12.13 24.95
N ASN A 404 -16.82 -10.85 24.58
CA ASN A 404 -17.22 -9.80 25.51
C ASN A 404 -18.71 -9.84 25.76
N GLN A 405 -19.52 -9.96 24.71
CA GLN A 405 -20.96 -9.99 24.91
C GLN A 405 -21.38 -11.18 25.74
N ALA A 406 -20.64 -12.29 25.64
CA ALA A 406 -20.94 -13.45 26.47
C ALA A 406 -20.82 -13.11 27.95
N THR A 407 -19.91 -12.20 28.28
CA THR A 407 -19.70 -11.77 29.66
C THR A 407 -19.92 -10.28 29.83
N TRP A 651 0.14 32.58 58.54
CA TRP A 651 0.50 33.96 58.78
C TRP A 651 1.15 34.54 57.53
N VAL A 652 2.42 34.90 57.61
CA VAL A 652 3.14 35.43 56.45
C VAL A 652 3.12 34.42 55.31
N LYS A 653 3.30 33.14 55.64
CA LYS A 653 3.16 32.10 54.62
C LYS A 653 1.74 32.04 54.08
N LEU A 654 0.74 32.22 54.94
CA LEU A 654 -0.64 32.15 54.47
C LEU A 654 -1.03 33.36 53.64
N LYS A 655 -0.22 34.43 53.73
CA LYS A 655 -0.42 35.58 52.87
C LYS A 655 0.20 35.23 51.54
N THR A 656 1.32 34.49 51.55
CA THR A 656 1.89 34.03 50.27
C THR A 656 0.91 33.05 49.64
N ILE A 657 0.27 32.20 50.44
CA ILE A 657 -0.76 31.29 49.94
C ILE A 657 -1.99 32.09 49.52
N LEU A 658 -2.20 33.26 50.11
CA LEU A 658 -3.31 34.12 49.72
C LEU A 658 -3.21 34.49 48.24
N PHE A 659 -1.99 34.80 47.77
CA PHE A 659 -1.80 34.88 46.33
C PHE A 659 -1.13 33.64 45.76
N GLY A 660 -1.00 32.57 46.55
CA GLY A 660 -0.74 31.27 45.99
C GLY A 660 -1.92 30.73 45.20
N LEU A 661 -3.14 30.88 45.75
CA LEU A 661 -4.34 30.35 45.12
C LEU A 661 -4.95 31.27 44.07
N VAL A 662 -4.23 32.28 43.60
CA VAL A 662 -4.76 33.11 42.52
C VAL A 662 -4.41 32.47 41.18
N THR A 663 -5.21 31.47 40.79
CA THR A 663 -5.08 30.80 39.51
C THR A 663 -6.42 30.95 38.81
N ASP A 664 -6.60 32.08 38.12
CA ASP A 664 -7.86 32.46 37.50
C ASP A 664 -7.88 32.04 36.03
N PRO A 665 -9.00 32.24 35.30
CA PRO A 665 -9.05 31.81 33.89
C PRO A 665 -8.07 32.50 32.95
N PHE A 666 -7.20 33.37 33.45
CA PHE A 666 -6.21 34.04 32.61
C PHE A 666 -4.79 33.57 32.86
N ALA A 667 -4.50 32.95 34.00
CA ALA A 667 -3.19 32.38 34.20
C ALA A 667 -3.00 31.12 33.37
N GLU A 668 -4.01 30.23 33.35
CA GLU A 668 -3.91 28.98 32.60
C GLU A 668 -3.62 29.25 31.14
N LEU A 669 -4.27 30.28 30.59
CA LEU A 669 -4.01 30.65 29.21
C LEU A 669 -2.55 30.95 29.00
N THR A 670 -1.89 31.54 30.00
CA THR A 670 -0.46 31.81 29.87
C THR A 670 0.32 30.51 29.73
N ILE A 671 -0.04 29.50 30.52
CA ILE A 671 0.66 28.22 30.47
C ILE A 671 0.47 27.59 29.10
N THR A 672 -0.76 27.59 28.58
CA THR A 672 -1.01 27.01 27.26
C THR A 672 -0.24 27.75 26.18
N LEU A 673 -0.28 29.08 26.20
CA LEU A 673 0.46 29.84 25.21
C LEU A 673 1.93 29.52 25.28
N CYS A 674 2.47 29.36 26.49
CA CYS A 674 3.88 29.06 26.64
C CYS A 674 4.21 27.66 26.11
N ILE A 675 3.33 26.69 26.35
CA ILE A 675 3.55 25.35 25.81
C ILE A 675 3.64 25.42 24.29
N VAL A 676 2.67 26.08 23.66
CA VAL A 676 2.62 26.11 22.21
C VAL A 676 3.83 26.85 21.64
N VAL A 677 4.19 27.98 22.25
CA VAL A 677 5.24 28.80 21.67
C VAL A 677 6.61 28.15 21.86
N ASN A 678 6.82 27.50 23.01
CA ASN A 678 8.06 26.77 23.19
C ASN A 678 8.17 25.62 22.20
N THR A 679 7.06 24.91 21.97
CA THR A 679 7.07 23.89 20.94
C THR A 679 7.43 24.48 19.59
N ILE A 680 6.97 25.70 19.30
CA ILE A 680 7.26 26.35 18.03
C ILE A 680 8.74 26.73 17.88
N PHE A 681 9.42 27.09 18.96
CA PHE A 681 10.89 27.14 18.82
C PHE A 681 11.58 25.79 18.83
N MET A 682 11.03 24.75 19.46
CA MET A 682 11.66 23.45 19.33
C MET A 682 11.53 22.89 17.92
N ALA A 683 10.47 23.27 17.23
CA ALA A 683 10.20 22.87 15.85
C ALA A 683 10.85 23.79 14.84
N MET A 684 11.93 24.48 15.19
CA MET A 684 12.48 25.50 14.31
C MET A 684 13.99 25.34 14.16
N GLU A 685 14.56 24.33 14.79
CA GLU A 685 15.98 24.03 14.65
C GLU A 685 16.22 23.15 13.44
N HIS A 686 17.40 23.30 12.83
CA HIS A 686 17.73 22.55 11.63
C HIS A 686 19.23 22.33 11.61
N HIS A 687 19.75 21.97 10.44
CA HIS A 687 21.15 21.58 10.36
C HIS A 687 22.07 22.77 10.30
N GLY A 688 21.95 23.60 9.26
CA GLY A 688 23.02 24.54 8.98
C GLY A 688 22.90 25.89 9.64
N MET A 689 22.43 25.94 10.89
CA MET A 689 22.27 27.21 11.58
C MET A 689 23.58 27.99 11.67
N SER A 690 23.51 29.26 11.31
CA SER A 690 24.54 30.18 11.74
C SER A 690 24.42 30.35 13.25
N PRO A 691 25.51 30.73 13.93
CA PRO A 691 25.45 30.76 15.41
C PRO A 691 24.32 31.59 16.00
N THR A 692 23.95 32.70 15.38
CA THR A 692 22.95 33.59 15.97
C THR A 692 21.62 32.88 16.18
N PHE A 693 21.18 32.09 15.20
CA PHE A 693 19.92 31.37 15.36
C PHE A 693 20.00 30.39 16.52
N GLU A 694 21.12 29.66 16.63
CA GLU A 694 21.28 28.74 17.74
C GLU A 694 21.19 29.48 19.07
N ALA A 695 21.85 30.64 19.17
CA ALA A 695 21.82 31.39 20.42
C ALA A 695 20.43 31.86 20.77
N MET A 696 19.67 32.31 19.78
CA MET A 696 18.29 32.70 20.07
C MET A 696 17.49 31.52 20.61
N LEU A 697 17.66 30.36 19.99
CA LEU A 697 16.95 29.19 20.51
C LEU A 697 17.38 28.85 21.93
N GLN A 698 18.66 29.05 22.25
CA GLN A 698 19.13 28.78 23.60
C GLN A 698 18.48 29.72 24.62
N ILE A 699 18.52 31.02 24.35
CA ILE A 699 17.88 31.97 25.26
C ILE A 699 16.43 31.59 25.45
N GLY A 700 15.74 31.26 24.36
CA GLY A 700 14.35 30.90 24.48
C GLY A 700 14.15 29.66 25.33
N ASN A 701 15.05 28.69 25.19
CA ASN A 701 14.92 27.49 25.99
C ASN A 701 15.05 27.80 27.47
N ILE A 702 16.04 28.62 27.82
CA ILE A 702 16.25 28.97 29.23
C ILE A 702 15.04 29.73 29.78
N VAL A 703 14.52 30.67 29.01
CA VAL A 703 13.36 31.45 29.45
C VAL A 703 12.18 30.53 29.74
N PHE A 704 11.92 29.57 28.85
CA PHE A 704 10.76 28.71 29.07
C PHE A 704 10.99 27.74 30.23
N THR A 705 12.24 27.32 30.43
CA THR A 705 12.59 26.52 31.60
C THR A 705 12.25 27.26 32.89
N ILE A 706 12.72 28.49 33.03
CA ILE A 706 12.51 29.19 34.27
C ILE A 706 11.04 29.56 34.42
N PHE A 707 10.34 29.76 33.31
CA PHE A 707 8.91 30.08 33.43
C PHE A 707 8.14 28.92 34.04
N PHE A 708 8.35 27.71 33.54
CA PHE A 708 7.58 26.58 34.07
C PHE A 708 8.03 26.21 35.48
N THR A 709 9.33 26.32 35.78
CA THR A 709 9.77 26.08 37.16
C THR A 709 9.16 27.11 38.11
N ALA A 710 9.04 28.35 37.67
CA ALA A 710 8.38 29.35 38.50
C ALA A 710 6.96 28.92 38.77
N GLU A 711 6.28 28.43 37.74
CA GLU A 711 4.91 27.97 37.93
C GLU A 711 4.85 26.88 38.99
N MET A 712 5.81 25.96 38.96
CA MET A 712 5.79 24.84 39.91
C MET A 712 6.03 25.32 41.33
N VAL A 713 7.03 26.18 41.54
CA VAL A 713 7.25 26.63 42.91
C VAL A 713 6.03 27.39 43.40
N PHE A 714 5.40 28.15 42.52
CA PHE A 714 4.15 28.80 42.90
C PHE A 714 3.13 27.78 43.36
N LYS A 715 2.94 26.70 42.60
CA LYS A 715 1.90 25.74 42.96
C LYS A 715 2.25 25.01 44.26
N ILE A 716 3.52 24.67 44.46
CA ILE A 716 3.88 24.00 45.71
C ILE A 716 3.72 24.95 46.89
N ILE A 717 3.88 26.25 46.67
CA ILE A 717 3.71 27.20 47.75
C ILE A 717 2.31 27.80 47.61
N ALA A 718 1.42 27.08 46.95
CA ALA A 718 0.04 27.50 46.91
C ALA A 718 -0.88 26.51 47.63
N PHE A 719 -0.90 25.26 47.16
CA PHE A 719 -1.63 24.21 47.87
C PHE A 719 -0.71 23.73 48.98
N ASP A 720 -1.00 22.59 49.57
CA ASP A 720 0.02 22.04 50.42
C ASP A 720 0.68 20.86 49.71
N PRO A 721 2.01 20.75 49.83
CA PRO A 721 2.73 19.70 49.08
C PRO A 721 2.20 18.31 49.35
N TYR A 722 1.24 18.17 50.26
CA TYR A 722 0.59 16.88 50.45
C TYR A 722 -0.35 16.60 49.28
N TYR A 723 -1.35 17.46 49.09
CA TYR A 723 -2.38 17.13 48.10
C TYR A 723 -1.86 17.41 46.70
N TYR A 724 -0.75 18.15 46.58
CA TYR A 724 -0.21 18.45 45.28
C TYR A 724 0.22 17.17 44.57
N PHE A 725 0.50 16.13 45.33
CA PHE A 725 1.03 14.94 44.71
C PHE A 725 -0.09 13.92 44.53
N GLN A 726 -1.32 14.35 44.83
CA GLN A 726 -2.52 13.54 44.67
C GLN A 726 -3.11 13.64 43.27
N LYS A 727 -2.97 14.79 42.63
CA LYS A 727 -3.49 14.98 41.29
C LYS A 727 -2.67 14.15 40.31
N LYS A 728 -3.33 13.63 39.29
CA LYS A 728 -2.68 12.75 38.34
C LYS A 728 -1.59 13.44 37.55
N TRP A 729 -1.83 14.71 37.21
CA TRP A 729 -1.16 15.33 36.06
C TRP A 729 -0.09 16.31 36.55
N ASN A 730 -0.25 16.78 37.77
CA ASN A 730 0.74 17.64 38.39
C ASN A 730 2.02 16.88 38.68
N ILE A 731 1.90 15.61 39.05
CA ILE A 731 3.10 14.78 39.12
C ILE A 731 3.81 14.76 37.78
N PHE A 732 3.06 14.64 36.67
CA PHE A 732 3.69 14.54 35.36
C PHE A 732 4.41 15.84 35.03
N ASP A 733 3.75 16.97 35.26
CA ASP A 733 4.37 18.25 34.94
C ASP A 733 5.60 18.49 35.82
N CYS A 734 5.57 18.01 37.06
CA CYS A 734 6.71 18.22 37.96
C CYS A 734 7.88 17.32 37.59
N ILE A 735 7.61 16.11 37.11
CA ILE A 735 8.74 15.29 36.67
C ILE A 735 9.34 15.88 35.40
N ILE A 736 8.52 16.45 34.52
CA ILE A 736 9.06 17.11 33.34
C ILE A 736 9.94 18.29 33.74
N VAL A 737 9.48 19.06 34.74
CA VAL A 737 10.28 20.21 35.13
C VAL A 737 11.60 19.78 35.77
N THR A 738 11.60 18.70 36.54
CA THR A 738 12.86 18.21 37.10
C THR A 738 13.82 17.79 36.00
N VAL A 739 13.33 17.06 35.00
CA VAL A 739 14.19 16.62 33.92
C VAL A 739 14.73 17.81 33.14
N SER A 740 13.90 18.82 32.93
CA SER A 740 14.37 20.02 32.22
C SER A 740 15.46 20.72 33.01
N LEU A 741 15.27 20.85 34.34
CA LEU A 741 16.30 21.44 35.19
C LEU A 741 17.62 20.69 35.05
N LEU A 742 17.56 19.36 35.11
CA LEU A 742 18.79 18.57 34.99
C LEU A 742 19.45 18.77 33.64
N GLU A 743 18.67 18.76 32.55
CA GLU A 743 19.26 18.92 31.22
C GLU A 743 19.96 20.26 31.09
N LEU A 744 19.31 21.33 31.56
CA LEU A 744 20.00 22.62 31.61
C LEU A 744 21.28 22.52 32.41
N GLY A 745 21.22 21.90 33.58
CA GLY A 745 22.40 21.84 34.43
C GLY A 745 23.57 21.15 33.76
N VAL A 746 23.48 19.84 33.57
CA VAL A 746 24.58 19.07 33.02
C VAL A 746 24.80 19.62 31.62
N ALA A 747 26.04 19.99 31.32
CA ALA A 747 26.34 20.82 30.17
C ALA A 747 27.25 20.07 29.21
N LYS A 748 26.63 19.41 28.24
CA LYS A 748 27.35 19.01 27.04
C LYS A 748 26.53 19.42 25.81
N LYS A 749 27.24 19.89 24.79
CA LYS A 749 26.61 20.44 23.60
C LYS A 749 25.94 19.31 22.84
N GLY A 750 24.63 19.17 23.06
CA GLY A 750 23.88 18.07 22.50
C GLY A 750 23.74 16.94 23.50
N SER A 751 23.90 17.25 24.78
CA SER A 751 24.02 16.22 25.79
C SER A 751 22.81 15.30 25.78
N LEU A 752 23.02 14.06 25.33
CA LEU A 752 21.99 13.03 25.34
C LEU A 752 20.69 13.59 24.80
N SER A 753 20.65 13.86 23.49
CA SER A 753 19.59 14.67 22.92
C SER A 753 18.19 14.15 23.22
N VAL A 754 18.08 12.98 23.87
CA VAL A 754 16.81 12.58 24.45
C VAL A 754 16.44 13.49 25.62
N LEU A 755 17.44 13.91 26.41
CA LEU A 755 17.18 14.76 27.56
C LEU A 755 16.86 16.18 27.14
N ARG A 756 17.30 16.60 25.95
CA ARG A 756 16.91 17.93 25.46
C ARG A 756 15.49 17.88 24.88
N SER A 757 15.07 16.72 24.38
CA SER A 757 13.74 16.58 23.77
C SER A 757 12.67 16.14 24.75
N PHE A 758 13.02 15.98 26.02
CA PHE A 758 12.08 15.44 26.96
C PHE A 758 10.97 16.47 27.27
N ARG A 759 11.18 17.73 26.91
CA ARG A 759 10.19 18.78 27.13
C ARG A 759 8.95 18.55 26.29
N LEU A 760 9.10 17.89 25.13
CA LEU A 760 8.01 17.80 24.17
C LEU A 760 6.80 17.12 24.76
N LEU A 761 6.97 16.35 25.83
CA LEU A 761 5.85 15.63 26.39
C LEU A 761 4.82 16.56 27.02
N ARG A 762 5.16 17.84 27.19
CA ARG A 762 4.26 18.81 27.81
C ARG A 762 3.03 19.10 26.97
N VAL A 763 3.09 18.89 25.66
CA VAL A 763 1.97 19.19 24.79
C VAL A 763 0.77 18.34 25.17
N PHE A 764 1.02 17.21 25.83
CA PHE A 764 -0.06 16.31 26.20
C PHE A 764 -0.97 16.95 27.24
N LYS A 765 -0.52 18.05 27.84
CA LYS A 765 -1.32 18.83 28.77
C LYS A 765 -2.50 19.43 28.03
N LEU A 766 -2.28 19.79 26.76
CA LEU A 766 -3.35 20.39 25.96
C LEU A 766 -4.32 19.30 25.52
N ALA A 767 -4.83 18.54 26.49
CA ALA A 767 -5.83 17.53 26.23
C ALA A 767 -7.11 17.78 26.99
N LYS A 768 -7.12 18.69 27.95
CA LYS A 768 -8.33 19.12 28.62
C LYS A 768 -9.27 19.88 27.70
N SER A 769 -8.72 20.70 26.80
CA SER A 769 -9.50 21.44 25.83
C SER A 769 -9.43 20.87 24.42
N TRP A 770 -8.72 19.74 24.24
CA TRP A 770 -8.66 19.03 22.96
C TRP A 770 -9.15 17.60 23.16
N PRO A 771 -10.45 17.35 23.11
CA PRO A 771 -10.94 16.01 23.49
C PRO A 771 -10.41 14.87 22.65
N THR A 772 -10.05 15.09 21.39
CA THR A 772 -9.51 13.98 20.63
C THR A 772 -8.16 13.51 21.15
N LEU A 773 -7.27 14.41 21.53
CA LEU A 773 -6.02 13.96 22.12
C LEU A 773 -6.27 13.36 23.50
N ASN A 774 -7.35 13.79 24.15
CA ASN A 774 -7.78 13.11 25.37
C ASN A 774 -8.14 11.66 25.09
N THR A 775 -8.78 11.40 23.95
CA THR A 775 -9.10 10.02 23.58
C THR A 775 -7.87 9.24 23.14
N LEU A 776 -6.88 9.89 22.54
CA LEU A 776 -5.62 9.21 22.24
C LEU A 776 -4.93 8.73 23.52
N ILE A 777 -4.88 9.61 24.53
CA ILE A 777 -4.31 9.21 25.82
C ILE A 777 -5.17 8.13 26.46
N LYS A 778 -6.48 8.20 26.30
CA LYS A 778 -7.35 7.15 26.83
C LYS A 778 -7.03 5.80 26.21
N ILE A 779 -6.80 5.76 24.90
CA ILE A 779 -6.42 4.53 24.20
C ILE A 779 -5.09 3.98 24.71
N ILE A 780 -4.05 4.83 24.80
CA ILE A 780 -2.75 4.32 25.22
C ILE A 780 -2.80 3.80 26.65
N GLY A 781 -3.43 4.58 27.53
CA GLY A 781 -3.57 4.17 28.92
C GLY A 781 -4.31 2.85 29.08
N ASN A 782 -5.40 2.66 28.35
CA ASN A 782 -6.12 1.38 28.39
C ASN A 782 -5.25 0.26 27.86
N SER A 783 -4.47 0.53 26.81
CA SER A 783 -3.55 -0.48 26.28
C SER A 783 -2.65 -1.00 27.40
N VAL A 784 -2.11 -0.11 28.23
CA VAL A 784 -1.31 -0.59 29.35
C VAL A 784 -2.14 -0.75 30.62
N GLY A 785 -3.46 -0.61 30.53
CA GLY A 785 -4.33 -0.72 31.67
C GLY A 785 -5.29 -1.89 31.62
N ALA A 786 -6.56 -1.62 31.34
CA ALA A 786 -7.58 -2.67 31.40
C ALA A 786 -7.32 -3.77 30.38
N LEU A 787 -6.47 -3.49 29.40
CA LEU A 787 -6.01 -4.50 28.45
C LEU A 787 -4.55 -4.84 28.64
N GLY A 788 -4.07 -4.89 29.89
CA GLY A 788 -2.67 -5.16 30.11
C GLY A 788 -2.31 -6.60 29.82
N ASN A 789 -3.28 -7.51 29.94
CA ASN A 789 -2.99 -8.93 29.74
C ASN A 789 -2.64 -9.22 28.30
N LEU A 790 -3.34 -8.61 27.35
CA LEU A 790 -3.04 -8.84 25.94
C LEU A 790 -1.65 -8.34 25.57
N THR A 791 -1.26 -7.16 26.05
CA THR A 791 0.09 -6.73 25.73
C THR A 791 1.12 -7.53 26.50
N ILE A 792 0.75 -8.12 27.64
CA ILE A 792 1.65 -9.03 28.34
C ILE A 792 1.90 -10.27 27.50
N ILE A 793 0.83 -10.85 26.94
CA ILE A 793 1.00 -12.00 26.03
C ILE A 793 1.89 -11.63 24.87
N LEU A 794 1.67 -10.45 24.29
CA LEU A 794 2.46 -10.07 23.12
C LEU A 794 3.94 -9.92 23.48
N ALA A 795 4.23 -9.33 24.62
CA ALA A 795 5.62 -9.26 25.06
C ALA A 795 6.21 -10.64 25.30
N ILE A 796 5.42 -11.53 25.90
CA ILE A 796 5.91 -12.88 26.17
C ILE A 796 6.26 -13.59 24.86
N ILE A 797 5.39 -13.48 23.86
CA ILE A 797 5.61 -14.16 22.59
C ILE A 797 6.84 -13.61 21.90
N VAL A 798 7.02 -12.28 21.90
CA VAL A 798 8.18 -11.72 21.24
C VAL A 798 9.47 -12.14 21.92
N PHE A 799 9.48 -12.16 23.27
CA PHE A 799 10.66 -12.60 24.00
C PHE A 799 10.96 -14.08 23.74
N VAL A 800 9.93 -14.93 23.76
CA VAL A 800 10.15 -16.35 23.56
C VAL A 800 10.69 -16.63 22.17
N PHE A 801 10.11 -16.01 21.14
CA PHE A 801 10.58 -16.28 19.77
C PHE A 801 11.93 -15.65 19.49
N ALA A 802 12.25 -14.51 20.10
CA ALA A 802 13.60 -14.00 19.99
C ALA A 802 14.61 -14.94 20.62
N LEU A 803 14.30 -15.51 21.79
CA LEU A 803 15.21 -16.47 22.42
C LEU A 803 15.38 -17.73 21.57
N VAL A 804 14.27 -18.36 21.17
CA VAL A 804 14.35 -19.59 20.38
C VAL A 804 15.15 -19.33 19.12
N GLY A 805 14.90 -18.22 18.46
CA GLY A 805 15.70 -17.88 17.31
C GLY A 805 17.16 -17.79 17.62
N LYS A 806 17.52 -17.10 18.71
CA LYS A 806 18.94 -16.96 19.02
C LYS A 806 19.59 -18.32 19.21
N GLN A 807 18.99 -19.15 20.07
CA GLN A 807 19.59 -20.43 20.41
C GLN A 807 19.72 -21.33 19.19
N LEU A 808 18.61 -21.63 18.52
CA LEU A 808 18.73 -22.51 17.36
C LEU A 808 19.49 -21.90 16.19
N LEU A 809 19.05 -20.72 15.78
CA LEU A 809 19.62 -20.00 14.63
C LEU A 809 21.07 -19.49 14.71
N GLY A 810 21.46 -18.98 15.88
CA GLY A 810 22.56 -18.04 16.02
C GLY A 810 24.00 -18.35 15.64
N GLU A 811 24.51 -19.54 15.96
CA GLU A 811 25.92 -19.84 15.74
C GLU A 811 26.32 -19.80 14.26
N ASN A 812 25.45 -20.33 13.42
CA ASN A 812 25.63 -20.44 11.98
C ASN A 812 25.53 -19.08 11.30
N TYR A 813 24.70 -18.18 11.84
CA TYR A 813 24.74 -16.78 11.40
C TYR A 813 26.12 -16.18 11.60
N ARG A 814 26.84 -16.60 12.63
CA ARG A 814 28.17 -16.04 12.83
C ARG A 814 29.14 -16.44 11.74
N ASN A 815 29.27 -17.74 11.44
CA ASN A 815 30.35 -18.18 10.58
C ASN A 815 29.93 -18.23 9.11
N ASN A 816 28.68 -18.55 8.85
CA ASN A 816 28.13 -18.45 7.51
C ASN A 816 27.80 -17.06 7.00
N ARG A 817 28.12 -16.01 7.76
CA ARG A 817 27.81 -14.67 7.27
C ARG A 817 28.38 -14.08 6.01
N LYS A 818 29.43 -14.66 5.48
CA LYS A 818 29.93 -14.30 4.16
C LYS A 818 28.99 -14.71 3.10
N ASN A 819 28.08 -15.58 3.51
CA ASN A 819 27.08 -16.14 2.62
C ASN A 819 25.79 -15.35 2.58
N ILE A 820 25.60 -14.35 3.43
CA ILE A 820 24.43 -13.48 3.38
C ILE A 820 24.75 -12.01 3.50
N SER A 821 26.02 -11.63 3.57
CA SER A 821 26.36 -10.23 3.78
C SER A 821 26.41 -9.49 2.46
N ALA A 822 26.13 -8.19 2.53
CA ALA A 822 26.14 -7.31 1.38
C ALA A 822 27.49 -7.34 0.67
N PRO A 823 27.58 -6.83 -0.56
CA PRO A 823 28.78 -7.07 -1.36
C PRO A 823 30.09 -6.63 -0.72
N HIS A 824 30.11 -5.48 -0.05
CA HIS A 824 31.35 -4.92 0.48
C HIS A 824 31.42 -4.92 2.00
N GLU A 825 30.50 -5.58 2.69
CA GLU A 825 30.47 -5.56 4.14
C GLU A 825 31.01 -6.86 4.70
N ASP A 826 30.94 -6.99 6.03
CA ASP A 826 31.48 -8.13 6.75
C ASP A 826 30.47 -8.84 7.63
N TRP A 827 29.30 -8.23 7.87
CA TRP A 827 28.25 -8.84 8.64
C TRP A 827 26.96 -8.57 7.90
N PRO A 828 25.96 -9.42 8.02
CA PRO A 828 24.63 -9.04 7.57
C PRO A 828 24.05 -7.97 8.48
N ARG A 829 23.11 -7.21 7.93
CA ARG A 829 22.46 -6.17 8.71
C ARG A 829 21.46 -6.73 9.70
N TRP A 830 20.69 -7.72 9.28
CA TRP A 830 19.64 -8.33 10.09
C TRP A 830 20.03 -9.78 10.29
N HIS A 831 20.27 -10.16 11.54
CA HIS A 831 20.71 -11.50 11.86
C HIS A 831 20.23 -11.88 13.25
N MET A 832 20.59 -13.08 13.72
CA MET A 832 20.08 -13.59 14.98
C MET A 832 21.20 -13.96 15.94
N HIS A 833 22.30 -13.21 15.95
CA HIS A 833 23.44 -13.59 16.77
C HIS A 833 23.42 -12.96 18.15
N ASP A 834 22.42 -12.17 18.47
CA ASP A 834 22.22 -11.72 19.83
C ASP A 834 20.77 -11.34 20.05
N PHE A 835 20.39 -11.16 21.31
CA PHE A 835 18.98 -11.03 21.62
C PHE A 835 18.39 -9.75 21.04
N PHE A 836 19.17 -8.69 20.95
CA PHE A 836 18.63 -7.46 20.39
C PHE A 836 18.25 -7.67 18.93
N HIS A 837 19.17 -8.23 18.14
CA HIS A 837 18.97 -8.43 16.71
C HIS A 837 17.92 -9.48 16.44
N SER A 838 17.90 -10.53 17.24
CA SER A 838 16.84 -11.53 17.13
C SER A 838 15.48 -10.90 17.37
N PHE A 839 15.38 -10.05 18.40
CA PHE A 839 14.15 -9.31 18.64
C PHE A 839 13.82 -8.38 17.50
N LEU A 840 14.84 -7.78 16.87
CA LEU A 840 14.60 -6.88 15.75
C LEU A 840 13.99 -7.63 14.58
N ILE A 841 14.48 -8.84 14.31
CA ILE A 841 13.86 -9.64 13.26
C ILE A 841 12.44 -10.04 13.63
N VAL A 842 12.21 -10.43 14.89
CA VAL A 842 10.83 -10.79 15.23
C VAL A 842 9.92 -9.58 15.12
N PHE A 843 10.44 -8.40 15.45
CA PHE A 843 9.67 -7.17 15.29
C PHE A 843 9.38 -6.86 13.82
N ARG A 844 10.40 -6.91 12.97
CA ARG A 844 10.20 -6.66 11.54
C ARG A 844 9.23 -7.66 10.93
N ILE A 845 9.16 -8.89 11.45
CA ILE A 845 8.06 -9.78 11.04
C ILE A 845 6.73 -9.28 11.56
N LEU A 846 6.69 -8.72 12.77
CA LEU A 846 5.43 -8.18 13.25
C LEU A 846 4.94 -7.01 12.42
N CYS A 847 5.84 -6.18 11.91
CA CYS A 847 5.52 -5.15 10.93
C CYS A 847 5.00 -5.74 9.64
N GLY A 848 5.62 -6.81 9.14
CA GLY A 848 5.16 -7.52 7.97
C GLY A 848 6.22 -7.87 6.97
N GLU A 849 7.50 -7.74 7.29
CA GLU A 849 8.57 -7.95 6.31
C GLU A 849 9.35 -9.21 6.64
N TRP A 850 8.82 -10.34 6.20
CA TRP A 850 9.08 -11.66 6.75
C TRP A 850 9.73 -12.63 5.78
N ILE A 851 9.76 -12.30 4.48
CA ILE A 851 10.46 -13.15 3.53
C ILE A 851 11.92 -12.80 3.35
N GLU A 852 12.27 -11.54 3.13
CA GLU A 852 13.62 -11.23 2.69
C GLU A 852 14.69 -11.76 3.63
N ASN A 853 14.36 -11.89 4.91
CA ASN A 853 15.24 -12.56 5.88
C ASN A 853 15.21 -14.07 5.73
N MET A 854 14.04 -14.66 5.48
CA MET A 854 13.93 -16.10 5.39
C MET A 854 14.87 -16.65 4.34
N TRP A 855 15.05 -15.96 3.22
CA TRP A 855 16.01 -16.41 2.23
C TRP A 855 17.39 -16.49 2.84
N ALA A 856 17.76 -15.50 3.67
CA ALA A 856 19.09 -15.47 4.25
C ALA A 856 19.26 -16.54 5.30
N CYS A 857 18.27 -16.72 6.16
CA CYS A 857 18.43 -17.72 7.22
C CYS A 857 18.36 -19.13 6.66
N MET A 858 17.76 -19.29 5.48
CA MET A 858 17.84 -20.56 4.77
C MET A 858 19.17 -20.70 4.05
N GLU A 859 19.79 -19.61 3.66
CA GLU A 859 21.12 -19.65 3.09
C GLU A 859 22.22 -19.76 4.12
N VAL A 860 21.89 -19.64 5.40
CA VAL A 860 22.91 -19.66 6.44
C VAL A 860 22.75 -20.92 7.31
N GLY A 861 21.52 -21.29 7.60
CA GLY A 861 21.24 -22.43 8.46
C GLY A 861 20.34 -23.42 7.76
N GLN A 862 19.61 -24.19 8.56
CA GLN A 862 18.77 -25.24 8.01
C GLN A 862 17.49 -24.62 7.50
N LYS A 863 16.83 -25.35 6.60
CA LYS A 863 15.67 -24.78 5.91
C LYS A 863 14.35 -25.07 6.63
N SER A 864 14.16 -26.28 7.15
CA SER A 864 12.92 -26.57 7.85
C SER A 864 12.78 -25.71 9.10
N ILE A 865 13.89 -25.53 9.83
CA ILE A 865 13.86 -24.70 11.03
C ILE A 865 13.50 -23.26 10.69
N CYS A 866 14.11 -22.69 9.64
CA CYS A 866 13.77 -21.35 9.21
C CYS A 866 12.30 -21.21 8.83
N LEU A 867 11.81 -22.11 7.98
CA LEU A 867 10.42 -22.01 7.57
C LEU A 867 9.48 -22.07 8.77
N ILE A 868 9.67 -23.04 9.67
CA ILE A 868 8.77 -23.15 10.82
C ILE A 868 8.90 -21.94 11.73
N LEU A 869 10.13 -21.53 12.03
CA LEU A 869 10.32 -20.39 12.92
C LEU A 869 9.65 -19.14 12.39
N PHE A 870 9.97 -18.74 11.15
CA PHE A 870 9.41 -17.51 10.61
C PHE A 870 7.91 -17.60 10.41
N LEU A 871 7.39 -18.73 9.94
CA LEU A 871 5.97 -18.77 9.62
C LEU A 871 5.11 -18.88 10.88
N THR A 872 5.61 -19.56 11.92
CA THR A 872 4.90 -19.54 13.19
C THR A 872 4.99 -18.17 13.84
N VAL A 873 6.17 -17.52 13.80
CA VAL A 873 6.28 -16.15 14.27
C VAL A 873 5.27 -15.27 13.57
N MET A 874 5.18 -15.40 12.25
CA MET A 874 4.28 -14.55 11.49
C MET A 874 2.82 -14.77 11.86
N VAL A 875 2.36 -16.02 11.83
CA VAL A 875 0.95 -16.23 12.16
C VAL A 875 0.66 -15.77 13.58
N LEU A 876 1.51 -16.13 14.55
CA LEU A 876 1.19 -15.80 15.93
C LEU A 876 1.29 -14.29 16.20
N GLY A 877 2.32 -13.63 15.66
CA GLY A 877 2.42 -12.20 15.86
C GLY A 877 1.30 -11.43 15.20
N ASN A 878 1.06 -11.68 13.91
CA ASN A 878 0.00 -10.97 13.23
C ASN A 878 -1.38 -11.49 13.63
N LEU A 879 -1.46 -12.41 14.58
CA LEU A 879 -2.74 -12.70 15.20
C LEU A 879 -2.90 -12.02 16.55
N VAL A 880 -1.86 -12.00 17.37
CA VAL A 880 -1.95 -11.35 18.67
C VAL A 880 -2.01 -9.83 18.51
N VAL A 881 -1.21 -9.26 17.62
CA VAL A 881 -1.29 -7.84 17.32
C VAL A 881 -2.69 -7.49 16.80
N LEU A 882 -3.24 -8.32 15.93
CA LEU A 882 -4.58 -8.08 15.40
C LEU A 882 -5.62 -8.11 16.51
N ASN A 883 -5.50 -9.05 17.44
CA ASN A 883 -6.50 -9.16 18.49
C ASN A 883 -6.36 -8.02 19.50
N LEU A 884 -5.12 -7.63 19.79
CA LEU A 884 -4.90 -6.48 20.66
C LEU A 884 -5.45 -5.20 20.04
N PHE A 885 -5.19 -4.98 18.75
CA PHE A 885 -5.67 -3.79 18.06
C PHE A 885 -7.18 -3.76 18.04
N ILE A 886 -7.82 -4.89 17.76
CA ILE A 886 -9.28 -4.95 17.80
C ILE A 886 -9.78 -4.64 19.19
N ALA A 887 -9.08 -5.10 20.22
CA ALA A 887 -9.57 -4.89 21.57
C ALA A 887 -9.45 -3.42 21.99
N LEU A 888 -8.28 -2.82 21.74
CA LEU A 888 -8.12 -1.38 21.98
C LEU A 888 -9.16 -0.57 21.24
N LEU A 889 -9.43 -0.94 20.00
CA LEU A 889 -10.38 -0.18 19.18
C LEU A 889 -11.81 -0.38 19.67
N LEU A 890 -12.14 -1.58 20.14
CA LEU A 890 -13.55 -1.92 20.31
C LEU A 890 -14.09 -1.38 21.62
N ASN A 891 -13.53 -1.82 22.75
CA ASN A 891 -14.07 -1.40 24.03
C ASN A 891 -13.73 0.06 24.33
N SER A 892 -12.49 0.46 24.08
CA SER A 892 -12.01 1.75 24.56
C SER A 892 -12.65 2.91 23.81
N PHE A 893 -12.82 2.78 22.50
CA PHE A 893 -13.57 3.79 21.76
C PHE A 893 -15.05 3.76 22.05
N PHE A 894 -15.64 2.58 22.16
CA PHE A 894 -17.09 2.44 22.18
C PHE A 894 -17.64 2.42 23.60
N ALA A 895 -17.00 3.17 24.49
CA ALA A 895 -17.56 3.47 25.79
C ALA A 895 -18.74 4.42 25.61
N ASP A 1136 -40.11 39.39 -22.97
CA ASP A 1136 -40.85 38.21 -23.40
C ASP A 1136 -39.96 37.26 -24.21
N VAL A 1137 -39.25 37.82 -25.20
CA VAL A 1137 -38.40 36.98 -26.04
C VAL A 1137 -37.21 36.44 -25.24
N GLY A 1138 -36.68 37.23 -24.32
CA GLY A 1138 -35.63 36.72 -23.44
C GLY A 1138 -36.12 35.57 -22.58
N TRP A 1139 -37.35 35.69 -22.07
CA TRP A 1139 -37.91 34.59 -21.29
C TRP A 1139 -38.12 33.36 -22.16
N GLN A 1140 -38.52 33.57 -23.42
CA GLN A 1140 -38.70 32.45 -24.33
C GLN A 1140 -37.38 31.75 -24.65
N VAL A 1141 -36.30 32.52 -24.84
CA VAL A 1141 -35.02 31.87 -25.16
C VAL A 1141 -34.46 31.16 -23.93
N ARG A 1142 -34.57 31.76 -22.74
CA ARG A 1142 -34.24 31.01 -21.53
C ARG A 1142 -35.02 29.71 -21.46
N LYS A 1143 -36.33 29.75 -21.72
CA LYS A 1143 -37.14 28.54 -21.56
C LYS A 1143 -36.76 27.49 -22.59
N THR A 1144 -36.50 27.92 -23.83
CA THR A 1144 -36.04 26.98 -24.86
C THR A 1144 -34.77 26.27 -24.43
N CYS A 1145 -33.74 27.05 -24.06
CA CYS A 1145 -32.50 26.44 -23.61
C CYS A 1145 -32.75 25.54 -22.41
N TYR A 1146 -33.68 25.94 -21.54
CA TYR A 1146 -33.95 25.18 -20.33
C TYR A 1146 -34.57 23.79 -20.58
N ARG A 1147 -35.54 23.69 -21.49
CA ARG A 1147 -36.10 22.37 -21.79
C ARG A 1147 -34.99 21.51 -22.38
N ILE A 1148 -34.15 22.10 -23.21
CA ILE A 1148 -33.09 21.35 -23.88
C ILE A 1148 -32.02 20.82 -22.92
N VAL A 1149 -31.63 21.59 -21.92
CA VAL A 1149 -30.52 21.10 -21.10
C VAL A 1149 -30.88 19.85 -20.30
N GLU A 1150 -32.15 19.53 -20.15
CA GLU A 1150 -32.48 18.32 -19.42
C GLU A 1150 -32.64 17.10 -20.33
N HIS A 1151 -32.57 17.28 -21.64
CA HIS A 1151 -32.98 16.20 -22.53
C HIS A 1151 -31.88 15.14 -22.60
N SER A 1152 -32.30 13.88 -22.45
CA SER A 1152 -31.34 12.82 -22.12
C SER A 1152 -30.23 12.72 -23.14
N TRP A 1153 -30.55 12.85 -24.42
CA TRP A 1153 -29.50 12.81 -25.44
C TRP A 1153 -28.50 13.94 -25.25
N PHE A 1154 -28.95 15.09 -24.73
CA PHE A 1154 -28.05 16.21 -24.50
C PHE A 1154 -26.99 15.86 -23.45
N GLU A 1155 -27.43 15.35 -22.30
CA GLU A 1155 -26.47 14.92 -21.29
C GLU A 1155 -25.53 13.88 -21.86
N SER A 1156 -26.07 12.85 -22.53
CA SER A 1156 -25.21 11.77 -22.99
C SER A 1156 -24.18 12.27 -24.00
N PHE A 1157 -24.59 13.19 -24.87
CA PHE A 1157 -23.67 13.79 -25.81
C PHE A 1157 -22.53 14.51 -25.10
N ILE A 1158 -22.85 15.26 -24.05
CA ILE A 1158 -21.77 15.93 -23.31
C ILE A 1158 -20.86 14.93 -22.60
N ILE A 1159 -21.45 13.89 -21.98
CA ILE A 1159 -20.63 12.85 -21.35
C ILE A 1159 -19.70 12.22 -22.36
N PHE A 1160 -20.19 12.01 -23.57
CA PHE A 1160 -19.35 11.43 -24.60
C PHE A 1160 -18.17 12.33 -24.90
N MET A 1161 -18.42 13.64 -25.02
CA MET A 1161 -17.31 14.55 -25.26
C MET A 1161 -16.31 14.54 -24.11
N ILE A 1162 -16.79 14.44 -22.87
CA ILE A 1162 -15.88 14.34 -21.74
C ILE A 1162 -15.04 13.08 -21.81
N LEU A 1163 -15.64 11.96 -22.18
CA LEU A 1163 -14.88 10.71 -22.26
C LEU A 1163 -13.79 10.79 -23.32
N LEU A 1164 -14.11 11.31 -24.51
CA LEU A 1164 -13.05 11.47 -25.51
C LEU A 1164 -12.00 12.50 -25.09
N SER A 1165 -12.42 13.63 -24.51
CA SER A 1165 -11.44 14.64 -24.12
C SER A 1165 -10.51 14.13 -23.05
N SER A 1166 -11.05 13.41 -22.06
CA SER A 1166 -10.22 12.77 -21.06
C SER A 1166 -9.29 11.75 -21.68
N GLY A 1167 -9.83 10.86 -22.51
CA GLY A 1167 -9.01 9.83 -23.12
C GLY A 1167 -7.93 10.38 -24.02
N SER A 1168 -8.15 11.56 -24.59
CA SER A 1168 -7.17 12.12 -25.52
C SER A 1168 -5.93 12.62 -24.80
N LEU A 1169 -5.97 12.65 -23.47
CA LEU A 1169 -4.78 13.06 -22.74
C LEU A 1169 -3.76 11.94 -22.70
N ALA A 1170 -4.22 10.70 -22.77
CA ALA A 1170 -3.37 9.53 -22.66
C ALA A 1170 -2.48 9.39 -23.87
N PHE A 1171 -2.75 10.14 -24.92
CA PHE A 1171 -1.94 10.15 -26.12
C PHE A 1171 -0.88 11.21 -26.09
N GLU A 1172 -0.94 12.09 -25.09
CA GLU A 1172 0.11 13.06 -24.86
C GLU A 1172 1.08 12.42 -23.91
N ASP A 1173 2.10 11.79 -24.48
CA ASP A 1173 3.16 11.18 -23.70
C ASP A 1173 4.52 11.61 -24.23
N TYR A 1174 5.56 10.97 -23.70
CA TYR A 1174 6.94 11.33 -24.04
C TYR A 1174 7.19 11.42 -25.54
N TYR A 1175 6.78 10.43 -26.31
CA TYR A 1175 7.22 10.29 -27.69
C TYR A 1175 6.49 11.21 -28.66
N LEU A 1176 5.55 12.03 -28.18
CA LEU A 1176 4.67 12.76 -29.09
C LEU A 1176 5.45 13.72 -29.98
N ASP A 1177 6.66 14.08 -29.60
CA ASP A 1177 7.44 15.00 -30.43
C ASP A 1177 7.84 14.37 -31.77
N GLN A 1178 8.11 13.07 -31.81
CA GLN A 1178 8.49 12.47 -33.07
C GLN A 1178 7.30 12.07 -33.92
N LYS A 1179 6.09 12.17 -33.40
CA LYS A 1179 4.89 11.92 -34.21
C LYS A 1179 4.36 13.25 -34.73
N PRO A 1180 4.71 13.63 -35.96
CA PRO A 1180 4.40 15.00 -36.40
C PRO A 1180 2.92 15.25 -36.68
N THR A 1181 2.10 14.20 -36.78
CA THR A 1181 0.70 14.39 -37.15
C THR A 1181 -0.28 14.17 -36.00
N VAL A 1182 -0.03 13.17 -35.17
CA VAL A 1182 -0.91 12.91 -34.03
C VAL A 1182 -0.98 14.14 -33.14
N LYS A 1183 0.13 14.86 -33.01
CA LYS A 1183 0.12 16.09 -32.23
C LYS A 1183 -0.89 17.09 -32.78
N ALA A 1184 -0.83 17.37 -34.09
CA ALA A 1184 -1.72 18.36 -34.69
C ALA A 1184 -3.17 17.92 -34.58
N LEU A 1185 -3.41 16.63 -34.75
CA LEU A 1185 -4.77 16.14 -34.55
C LEU A 1185 -5.23 16.44 -33.12
N LEU A 1186 -4.35 16.21 -32.15
CA LEU A 1186 -4.73 16.45 -30.76
C LEU A 1186 -4.97 17.94 -30.49
N GLU A 1187 -4.22 18.80 -31.16
CA GLU A 1187 -4.38 20.25 -30.99
C GLU A 1187 -5.74 20.71 -31.51
N TYR A 1188 -6.09 20.33 -32.75
CA TYR A 1188 -7.41 20.69 -33.25
C TYR A 1188 -8.50 20.08 -32.39
N THR A 1189 -8.28 18.87 -31.89
CA THR A 1189 -9.25 18.25 -31.01
C THR A 1189 -9.46 19.08 -29.76
N ASP A 1190 -8.37 19.55 -29.15
CA ASP A 1190 -8.51 20.34 -27.92
C ASP A 1190 -9.24 21.65 -28.19
N ARG A 1191 -8.96 22.29 -29.33
CA ARG A 1191 -9.65 23.54 -29.64
C ARG A 1191 -11.16 23.32 -29.76
N VAL A 1192 -11.56 22.31 -30.54
CA VAL A 1192 -12.99 22.06 -30.64
C VAL A 1192 -13.56 21.69 -29.27
N PHE A 1193 -12.72 21.13 -28.39
CA PHE A 1193 -13.24 20.74 -27.08
C PHE A 1193 -13.45 21.94 -26.15
N THR A 1194 -12.53 22.91 -26.14
CA THR A 1194 -12.78 24.11 -25.36
C THR A 1194 -14.01 24.83 -25.88
N PHE A 1195 -14.17 24.90 -27.21
CA PHE A 1195 -15.40 25.47 -27.76
C PHE A 1195 -16.62 24.76 -27.22
N ILE A 1196 -16.64 23.43 -27.30
CA ILE A 1196 -17.88 22.73 -26.97
C ILE A 1196 -18.21 22.89 -25.50
N PHE A 1197 -17.20 22.92 -24.63
CA PHE A 1197 -17.51 23.01 -23.20
C PHE A 1197 -17.88 24.43 -22.79
N VAL A 1198 -17.24 25.46 -23.37
CA VAL A 1198 -17.70 26.82 -23.19
C VAL A 1198 -19.15 26.96 -23.63
N PHE A 1199 -19.50 26.38 -24.77
CA PHE A 1199 -20.86 26.48 -25.23
C PHE A 1199 -21.81 25.80 -24.26
N GLU A 1200 -21.39 24.69 -23.67
CA GLU A 1200 -22.27 24.08 -22.68
C GLU A 1200 -22.44 25.00 -21.47
N MET A 1201 -21.38 25.70 -21.09
CA MET A 1201 -21.47 26.63 -19.97
C MET A 1201 -22.49 27.73 -20.24
N LEU A 1202 -22.40 28.36 -21.41
CA LEU A 1202 -23.33 29.44 -21.72
C LEU A 1202 -24.75 28.93 -21.89
N LEU A 1203 -24.91 27.73 -22.44
CA LEU A 1203 -26.23 27.11 -22.48
C LEU A 1203 -26.78 26.92 -21.08
N LYS A 1204 -25.96 26.42 -20.14
CA LYS A 1204 -26.47 26.21 -18.79
C LYS A 1204 -26.72 27.52 -18.03
N TRP A 1205 -25.97 28.58 -18.31
CA TRP A 1205 -26.25 29.88 -17.72
C TRP A 1205 -27.57 30.44 -18.18
N VAL A 1206 -27.78 30.55 -19.48
CA VAL A 1206 -28.97 31.22 -19.98
C VAL A 1206 -30.11 30.20 -19.93
N ALA A 1207 -29.79 29.00 -19.46
CA ALA A 1207 -30.85 28.07 -19.10
C ALA A 1207 -31.24 28.28 -17.65
N TYR A 1208 -30.29 28.09 -16.74
CA TYR A 1208 -30.56 28.13 -15.31
C TYR A 1208 -30.55 29.56 -14.78
N GLY A 1209 -29.47 30.27 -15.04
CA GLY A 1209 -29.25 31.60 -14.52
C GLY A 1209 -27.93 31.70 -13.79
N PHE A 1210 -27.43 32.93 -13.65
CA PHE A 1210 -26.18 33.14 -12.94
C PHE A 1210 -26.35 32.79 -11.47
N LYS A 1211 -27.59 32.88 -10.97
CA LYS A 1211 -27.88 32.72 -9.54
C LYS A 1211 -27.99 31.27 -9.12
N LYS A 1212 -28.62 30.41 -9.93
CA LYS A 1212 -28.73 29.00 -9.55
C LYS A 1212 -27.50 28.21 -9.99
N TYR A 1213 -26.91 28.55 -11.13
CA TYR A 1213 -25.78 27.77 -11.66
C TYR A 1213 -24.72 27.53 -10.61
N PHE A 1214 -24.17 28.60 -10.06
CA PHE A 1214 -23.07 28.48 -9.10
C PHE A 1214 -23.44 27.75 -7.78
N THR A 1215 -24.66 27.95 -7.29
CA THR A 1215 -25.09 27.32 -6.03
C THR A 1215 -25.14 25.79 -6.08
N ASN A 1216 -25.28 25.19 -7.25
CA ASN A 1216 -25.39 23.74 -7.39
C ASN A 1216 -24.13 23.10 -6.81
N ALA A 1217 -22.94 23.69 -7.02
CA ALA A 1217 -21.64 23.22 -6.45
C ALA A 1217 -20.90 22.13 -7.22
N TRP A 1218 -21.44 21.68 -8.36
CA TRP A 1218 -20.66 20.82 -9.25
C TRP A 1218 -20.32 21.64 -10.47
N CYS A 1219 -20.97 22.80 -10.60
CA CYS A 1219 -20.74 23.64 -11.76
C CYS A 1219 -19.46 24.45 -11.61
N TRP A 1220 -18.99 24.60 -10.36
CA TRP A 1220 -17.77 25.36 -10.14
C TRP A 1220 -16.56 24.59 -10.64
N LEU A 1221 -16.58 23.26 -10.54
CA LEU A 1221 -15.55 22.44 -11.17
C LEU A 1221 -15.45 22.70 -12.67
N ASP A 1222 -16.58 22.63 -13.36
CA ASP A 1222 -16.59 22.86 -14.80
C ASP A 1222 -16.10 24.25 -15.13
N PHE A 1223 -16.56 25.26 -14.38
CA PHE A 1223 -16.16 26.62 -14.72
C PHE A 1223 -14.68 26.81 -14.52
N LEU A 1224 -14.12 26.25 -13.46
CA LEU A 1224 -12.70 26.40 -13.23
C LEU A 1224 -11.87 25.72 -14.32
N ILE A 1225 -12.27 24.50 -14.72
CA ILE A 1225 -11.51 23.81 -15.76
C ILE A 1225 -11.59 24.59 -17.07
N VAL A 1226 -12.78 25.10 -17.41
CA VAL A 1226 -12.93 25.86 -18.64
C VAL A 1226 -12.08 27.12 -18.62
N ASN A 1227 -12.02 27.80 -17.47
CA ASN A 1227 -11.14 28.98 -17.40
C ASN A 1227 -9.69 28.61 -17.60
N ILE A 1228 -9.25 27.48 -17.02
CA ILE A 1228 -7.87 27.07 -17.22
C ILE A 1228 -7.59 26.81 -18.71
N SER A 1229 -8.53 26.17 -19.39
CA SER A 1229 -8.31 25.87 -20.79
C SER A 1229 -8.30 27.14 -21.64
N LEU A 1230 -9.11 28.13 -21.26
CA LEU A 1230 -9.15 29.37 -22.03
C LEU A 1230 -8.03 30.32 -21.66
N ILE A 1231 -7.30 30.04 -20.59
CA ILE A 1231 -5.99 30.68 -20.44
C ILE A 1231 -4.96 29.99 -21.32
N SER A 1232 -4.96 28.65 -21.33
CA SER A 1232 -3.94 27.93 -22.07
C SER A 1232 -4.00 28.22 -23.57
N LEU A 1233 -5.19 28.10 -24.16
CA LEU A 1233 -5.30 28.29 -25.60
C LEU A 1233 -4.89 29.70 -26.01
N THR A 1234 -5.32 30.70 -25.23
CA THR A 1234 -4.91 32.07 -25.52
C THR A 1234 -3.41 32.20 -25.43
N ALA A 1235 -2.79 31.56 -24.44
CA ALA A 1235 -1.33 31.59 -24.34
C ALA A 1235 -0.68 30.95 -25.56
N LYS A 1236 -1.39 30.02 -26.21
CA LYS A 1236 -0.85 29.47 -27.46
C LYS A 1236 -1.16 30.40 -28.63
N ILE A 1237 -2.14 31.30 -28.48
CA ILE A 1237 -2.41 32.33 -29.48
C ILE A 1237 -1.28 33.35 -29.50
N LEU A 1238 -0.90 33.86 -28.33
CA LEU A 1238 0.17 34.83 -28.21
C LEU A 1238 1.53 34.12 -28.19
N GLU A 1239 2.57 34.86 -27.84
CA GLU A 1239 3.90 34.29 -27.67
C GLU A 1239 4.27 34.08 -26.22
N TYR A 1240 3.33 34.22 -25.29
CA TYR A 1240 3.67 34.12 -23.88
C TYR A 1240 3.52 32.72 -23.32
N SER A 1241 3.56 31.69 -24.17
CA SER A 1241 3.37 30.33 -23.71
C SER A 1241 4.43 29.92 -22.70
N GLU A 1242 5.70 30.23 -23.00
CA GLU A 1242 6.79 29.78 -22.15
C GLU A 1242 7.04 30.68 -20.95
N VAL A 1243 6.12 31.61 -20.64
CA VAL A 1243 6.18 32.29 -19.36
C VAL A 1243 5.78 31.28 -18.30
N ALA A 1244 6.65 31.10 -17.31
CA ALA A 1244 6.57 29.95 -16.41
C ALA A 1244 5.22 29.77 -15.72
N PRO A 1245 4.56 30.80 -15.19
CA PRO A 1245 3.25 30.56 -14.55
C PRO A 1245 2.24 29.93 -15.48
N ILE A 1246 2.07 30.43 -16.70
CA ILE A 1246 1.05 29.84 -17.57
C ILE A 1246 1.44 28.42 -17.96
N LYS A 1247 2.74 28.15 -18.13
CA LYS A 1247 3.21 26.78 -18.30
C LYS A 1247 2.94 25.93 -17.07
N ALA A 1248 2.70 26.55 -15.91
CA ALA A 1248 2.26 25.83 -14.72
C ALA A 1248 0.75 25.82 -14.52
N LEU A 1249 0.00 26.63 -15.28
CA LEU A 1249 -1.42 26.38 -15.43
C LEU A 1249 -1.69 25.26 -16.41
N ARG A 1250 -0.90 25.17 -17.47
CA ARG A 1250 -1.09 24.14 -18.48
C ARG A 1250 -1.06 22.76 -17.87
N THR A 1251 -0.04 22.48 -17.05
CA THR A 1251 0.12 21.17 -16.43
C THR A 1251 -1.10 20.74 -15.65
N LEU A 1252 -1.95 21.70 -15.31
CA LEU A 1252 -3.18 21.41 -14.60
C LEU A 1252 -4.22 20.78 -15.50
N ARG A 1253 -3.94 20.73 -16.80
CA ARG A 1253 -4.97 20.36 -17.77
C ARG A 1253 -5.29 18.91 -17.51
N ALA A 1254 -4.49 18.23 -16.69
CA ALA A 1254 -4.71 16.85 -16.30
C ALA A 1254 -5.89 16.68 -15.37
N LEU A 1255 -6.64 17.74 -15.07
CA LEU A 1255 -7.87 17.61 -14.30
C LEU A 1255 -9.11 17.54 -15.16
N ARG A 1256 -8.96 17.61 -16.47
CA ARG A 1256 -10.10 17.39 -17.36
C ARG A 1256 -10.89 16.14 -17.01
N PRO A 1257 -10.28 15.02 -16.60
CA PRO A 1257 -11.11 13.87 -16.20
C PRO A 1257 -12.03 14.16 -15.05
N LEU A 1258 -11.69 15.11 -14.19
CA LEU A 1258 -12.48 15.29 -12.98
C LEU A 1258 -13.88 15.78 -13.29
N ARG A 1259 -14.12 16.25 -14.51
CA ARG A 1259 -15.46 16.67 -14.89
C ARG A 1259 -16.40 15.49 -14.96
N ALA A 1260 -15.87 14.27 -14.86
CA ALA A 1260 -16.69 13.07 -14.95
C ALA A 1260 -17.41 12.74 -13.66
N LEU A 1261 -16.95 13.29 -12.53
CA LEU A 1261 -17.52 12.92 -11.24
C LEU A 1261 -19.00 13.22 -11.15
N SER A 1262 -19.43 14.34 -11.69
CA SER A 1262 -20.83 14.72 -11.57
C SER A 1262 -21.74 13.83 -12.41
N ARG A 1263 -21.33 13.55 -13.65
CA ARG A 1263 -22.18 12.76 -14.56
C ARG A 1263 -22.46 11.32 -14.12
N PHE A 1264 -21.45 10.63 -13.61
CA PHE A 1264 -21.67 9.26 -13.12
C PHE A 1264 -22.29 9.30 -11.74
N GLU A 1265 -23.43 8.62 -11.58
CA GLU A 1265 -24.13 8.68 -10.30
C GLU A 1265 -23.40 7.95 -9.18
N GLY A 1266 -22.75 6.82 -9.45
CA GLY A 1266 -22.04 6.09 -8.43
C GLY A 1266 -20.85 6.83 -7.85
N MET A 1267 -20.05 7.44 -8.72
CA MET A 1267 -18.96 8.26 -8.23
C MET A 1267 -19.49 9.45 -7.45
N ARG A 1268 -20.69 9.93 -7.80
CA ARG A 1268 -21.31 11.02 -7.07
C ARG A 1268 -21.68 10.61 -5.65
N VAL A 1269 -22.29 9.43 -5.50
CA VAL A 1269 -22.70 8.98 -4.17
C VAL A 1269 -21.48 8.68 -3.30
N VAL A 1270 -20.42 8.15 -3.90
CA VAL A 1270 -19.24 7.86 -3.12
C VAL A 1270 -18.54 9.15 -2.69
N VAL A 1271 -18.47 10.14 -3.59
CA VAL A 1271 -17.87 11.42 -3.22
C VAL A 1271 -18.66 12.07 -2.10
N ASP A 1272 -19.99 11.95 -2.14
CA ASP A 1272 -20.78 12.48 -1.04
C ASP A 1272 -20.42 11.78 0.27
N ALA A 1273 -20.21 10.47 0.22
CA ALA A 1273 -19.80 9.75 1.43
C ALA A 1273 -18.48 10.27 1.97
N LEU A 1274 -17.49 10.48 1.11
CA LEU A 1274 -16.18 10.95 1.58
C LEU A 1274 -16.20 12.40 2.07
N VAL A 1275 -16.88 13.28 1.35
CA VAL A 1275 -17.01 14.66 1.80
C VAL A 1275 -17.76 14.74 3.12
N GLY A 1276 -18.65 13.78 3.38
CA GLY A 1276 -19.28 13.73 4.68
C GLY A 1276 -18.34 13.41 5.82
N ALA A 1277 -17.18 12.84 5.52
CA ALA A 1277 -16.29 12.41 6.59
C ALA A 1277 -14.99 13.19 6.63
N ILE A 1278 -14.77 14.09 5.69
CA ILE A 1278 -13.56 14.94 5.74
C ILE A 1278 -13.38 15.66 7.07
N PRO A 1279 -14.44 16.19 7.72
CA PRO A 1279 -14.24 16.79 9.06
C PRO A 1279 -13.51 15.90 10.06
N SER A 1280 -13.97 14.67 10.29
CA SER A 1280 -13.32 13.80 11.26
C SER A 1280 -11.89 13.49 10.90
N ILE A 1281 -11.62 13.20 9.63
CA ILE A 1281 -10.24 13.11 9.16
C ILE A 1281 -9.46 14.33 9.57
N MET A 1282 -10.09 15.51 9.59
CA MET A 1282 -9.32 16.72 9.88
C MET A 1282 -8.88 16.78 11.34
N ASN A 1283 -9.78 16.44 12.27
CA ASN A 1283 -9.40 16.37 13.67
C ASN A 1283 -8.28 15.36 13.89
N VAL A 1284 -8.45 14.15 13.36
CA VAL A 1284 -7.44 13.12 13.61
C VAL A 1284 -6.13 13.46 12.92
N LEU A 1285 -6.19 14.15 11.80
CA LEU A 1285 -4.96 14.58 11.15
C LEU A 1285 -4.26 15.65 11.97
N LEU A 1286 -5.01 16.52 12.64
CA LEU A 1286 -4.38 17.49 13.53
C LEU A 1286 -3.64 16.80 14.66
N VAL A 1287 -4.30 15.81 15.29
CA VAL A 1287 -3.65 15.09 16.40
C VAL A 1287 -2.45 14.29 15.91
N CYS A 1288 -2.56 13.67 14.74
CA CYS A 1288 -1.44 12.95 14.15
C CYS A 1288 -0.31 13.89 13.79
N LEU A 1289 -0.62 15.11 13.38
CA LEU A 1289 0.43 16.06 13.03
C LEU A 1289 1.18 16.53 14.27
N ILE A 1290 0.45 16.81 15.36
CA ILE A 1290 1.12 17.15 16.61
C ILE A 1290 2.00 15.99 17.08
N PHE A 1291 1.43 14.79 17.11
CA PHE A 1291 2.13 13.66 17.69
C PHE A 1291 3.38 13.33 16.88
N TRP A 1292 3.29 13.36 15.54
CA TRP A 1292 4.47 13.14 14.72
C TRP A 1292 5.41 14.33 14.78
N LEU A 1293 4.92 15.51 15.17
CA LEU A 1293 5.81 16.64 15.39
C LEU A 1293 6.76 16.34 16.54
N ILE A 1294 6.23 15.72 17.60
CA ILE A 1294 7.08 15.29 18.70
C ILE A 1294 8.23 14.43 18.20
N PHE A 1295 7.93 13.41 17.40
CA PHE A 1295 8.94 12.46 16.96
C PHE A 1295 9.88 13.06 15.93
N SER A 1296 9.38 13.99 15.10
CA SER A 1296 10.26 14.68 14.16
C SER A 1296 11.22 15.60 14.89
N ILE A 1297 10.80 16.20 16.00
CA ILE A 1297 11.70 17.02 16.80
C ILE A 1297 12.74 16.16 17.50
N MET A 1298 12.34 15.01 18.06
CA MET A 1298 13.34 14.09 18.59
C MET A 1298 14.32 13.68 17.51
N GLY A 1299 13.81 13.41 16.31
CA GLY A 1299 14.69 13.01 15.23
C GLY A 1299 15.66 14.11 14.86
N VAL A 1300 15.21 15.36 14.88
CA VAL A 1300 16.13 16.46 14.56
C VAL A 1300 17.16 16.63 15.66
N ASN A 1301 16.78 16.45 16.92
CA ASN A 1301 17.76 16.51 17.99
C ASN A 1301 18.82 15.44 17.78
N LEU A 1302 18.39 14.22 17.47
CA LEU A 1302 19.29 13.07 17.49
C LEU A 1302 20.15 12.98 16.24
N PHE A 1303 19.54 13.10 15.05
CA PHE A 1303 20.14 12.65 13.80
C PHE A 1303 20.57 13.78 12.87
N ALA A 1304 20.11 15.00 13.11
CA ALA A 1304 20.15 16.05 12.09
C ALA A 1304 21.58 16.34 11.65
N GLY A 1305 21.86 16.15 10.38
CA GLY A 1305 23.15 16.50 9.83
C GLY A 1305 24.15 15.38 9.81
N LYS A 1306 23.77 14.22 10.34
CA LYS A 1306 24.64 13.05 10.39
C LYS A 1306 24.37 11.97 9.33
N PHE A 1307 23.35 12.16 8.50
CA PHE A 1307 23.06 11.20 7.45
C PHE A 1307 24.00 11.35 6.26
N TRP A 1308 24.82 12.39 6.26
CA TRP A 1308 25.76 12.61 5.18
C TRP A 1308 26.80 11.50 5.19
N ARG A 1309 27.49 11.32 4.06
CA ARG A 1309 28.47 10.25 3.88
C ARG A 1309 29.32 10.58 2.67
N CYS A 1310 30.38 9.82 2.49
CA CYS A 1310 31.10 9.85 1.24
C CYS A 1310 30.79 8.61 0.44
N ILE A 1311 31.02 8.70 -0.86
CA ILE A 1311 30.76 7.59 -1.75
C ILE A 1311 31.68 7.58 -2.96
N ASN A 1312 32.41 6.50 -3.17
CA ASN A 1312 33.19 6.38 -4.40
C ASN A 1312 32.17 5.99 -5.45
N TYR A 1313 32.00 6.86 -6.43
CA TYR A 1313 31.01 6.62 -7.47
C TYR A 1313 31.69 6.55 -8.81
N THR A 1314 31.46 5.46 -9.54
CA THR A 1314 32.07 5.30 -10.86
C THR A 1314 31.04 5.42 -11.97
N ASP A 1315 30.22 4.39 -12.16
CA ASP A 1315 29.25 4.41 -13.25
C ASP A 1315 27.94 3.80 -12.73
N GLY A 1316 26.97 4.65 -12.45
CA GLY A 1316 25.66 4.19 -12.05
C GLY A 1316 25.58 3.49 -10.72
N GLU A 1317 26.71 3.08 -10.15
CA GLU A 1317 26.71 2.32 -8.91
C GLU A 1317 27.60 3.01 -7.89
N PHE A 1318 27.14 3.05 -6.64
CA PHE A 1318 27.77 3.81 -5.57
C PHE A 1318 28.03 2.91 -4.37
N SER A 1319 29.26 2.98 -3.84
CA SER A 1319 29.66 2.23 -2.67
C SER A 1319 30.23 3.18 -1.64
N LEU A 1320 29.82 3.05 -0.38
CA LEU A 1320 30.40 3.86 0.68
C LEU A 1320 31.90 3.62 0.71
N VAL A 1321 32.66 4.64 1.04
CA VAL A 1321 34.11 4.51 1.08
C VAL A 1321 34.51 3.92 2.42
N PRO A 1322 35.52 3.05 2.49
CA PRO A 1322 35.87 2.43 3.77
C PRO A 1322 36.41 3.46 4.75
N LEU A 1323 36.18 3.20 6.03
CA LEU A 1323 36.60 4.13 7.07
C LEU A 1323 38.05 4.15 7.25
N SER A 1324 38.86 3.47 6.46
CA SER A 1324 40.30 3.63 6.54
C SER A 1324 40.84 4.64 5.56
N ILE A 1325 39.99 5.25 4.74
CA ILE A 1325 40.40 6.27 3.80
C ILE A 1325 39.80 7.62 4.17
N VAL A 1326 38.59 7.61 4.69
CA VAL A 1326 37.89 8.85 4.98
C VAL A 1326 37.64 9.29 6.43
N ASN A 1327 36.56 8.86 7.06
CA ASN A 1327 36.18 9.28 8.44
C ASN A 1327 35.84 10.77 8.45
N ASN A 1328 36.10 11.47 7.35
CA ASN A 1328 35.90 12.93 7.29
C ASN A 1328 35.40 13.50 6.00
N LYS A 1329 34.87 14.71 6.08
CA LYS A 1329 34.52 15.40 4.85
C LYS A 1329 35.85 15.96 4.37
N SER A 1330 36.73 16.32 5.31
CA SER A 1330 38.03 16.83 4.94
C SER A 1330 39.00 15.72 4.55
N ASP A 1331 38.51 14.50 4.33
CA ASP A 1331 39.28 13.48 3.60
C ASP A 1331 38.73 13.19 2.21
N CYS A 1332 37.42 13.23 2.00
CA CYS A 1332 36.92 13.24 0.63
C CYS A 1332 37.44 14.44 -0.12
N LYS A 1333 37.58 15.57 0.53
CA LYS A 1333 38.16 16.69 -0.19
C LYS A 1333 39.61 16.42 -0.59
N ILE A 1334 40.26 15.43 0.03
CA ILE A 1334 41.66 15.20 -0.31
C ILE A 1334 41.84 14.04 -1.29
N GLN A 1335 41.04 13.00 -1.13
CA GLN A 1335 41.22 11.83 -1.98
C GLN A 1335 40.35 11.90 -3.21
N ASN A 1336 40.06 13.12 -3.68
CA ASN A 1336 39.14 13.27 -4.80
C ASN A 1336 39.98 13.47 -6.07
N SER A 1337 41.27 13.11 -6.02
CA SER A 1337 42.14 13.33 -7.17
C SER A 1337 41.64 12.59 -8.40
N THR A 1338 41.16 11.36 -8.23
CA THR A 1338 40.58 10.63 -9.35
C THR A 1338 39.33 11.36 -9.77
N GLY A 1339 38.50 11.72 -8.81
CA GLY A 1339 37.26 12.46 -9.09
C GLY A 1339 36.03 11.61 -8.89
N SER A 1340 36.22 10.32 -8.64
CA SER A 1340 35.08 9.44 -8.35
C SER A 1340 34.39 9.84 -7.06
N PHE A 1341 35.16 10.23 -6.06
CA PHE A 1341 34.58 10.55 -4.75
C PHE A 1341 33.64 11.73 -4.77
N PHE A 1342 32.50 11.59 -4.07
CA PHE A 1342 31.55 12.70 -3.90
C PHE A 1342 31.00 12.67 -2.47
N TRP A 1343 30.76 13.83 -1.87
CA TRP A 1343 30.14 13.89 -0.53
C TRP A 1343 28.64 14.07 -0.66
N VAL A 1344 27.86 13.10 -0.20
CA VAL A 1344 26.40 13.15 -0.39
C VAL A 1344 25.55 13.00 0.85
N ASN A 1345 24.23 12.92 0.69
CA ASN A 1345 23.31 12.88 1.81
C ASN A 1345 22.20 11.91 1.42
N VAL A 1346 21.54 11.29 2.40
CA VAL A 1346 20.46 10.40 2.02
C VAL A 1346 19.30 11.25 1.53
N LYS A 1347 18.53 10.69 0.60
CA LYS A 1347 17.48 11.48 -0.02
C LYS A 1347 16.42 11.89 0.98
N VAL A 1348 16.01 10.99 1.87
CA VAL A 1348 14.99 11.29 2.86
C VAL A 1348 15.64 11.23 4.23
N ASN A 1349 16.14 12.37 4.69
CA ASN A 1349 16.84 12.55 5.94
C ASN A 1349 15.95 13.23 6.97
N PHE A 1350 16.57 13.68 8.06
CA PHE A 1350 15.93 14.25 9.25
C PHE A 1350 16.39 15.68 9.51
N ASP A 1351 16.88 16.38 8.49
CA ASP A 1351 17.55 17.66 8.73
C ASP A 1351 16.59 18.75 9.21
N ASN A 1352 15.31 18.62 8.94
CA ASN A 1352 14.33 19.62 9.35
C ASN A 1352 13.19 18.92 10.06
N VAL A 1353 12.27 19.70 10.60
CA VAL A 1353 10.97 19.14 11.00
C VAL A 1353 10.15 18.75 9.79
N ALA A 1354 10.31 19.49 8.69
CA ALA A 1354 9.71 19.18 7.41
C ALA A 1354 10.17 17.84 6.87
N MET A 1355 11.47 17.68 6.58
CA MET A 1355 11.97 16.39 6.13
C MET A 1355 11.74 15.29 7.14
N GLY A 1356 11.69 15.62 8.43
CA GLY A 1356 11.29 14.67 9.43
C GLY A 1356 9.89 14.13 9.24
N TYR A 1357 8.95 14.95 8.79
CA TYR A 1357 7.62 14.41 8.54
C TYR A 1357 7.63 13.39 7.40
N LEU A 1358 8.44 13.62 6.36
CA LEU A 1358 8.52 12.66 5.27
C LEU A 1358 9.20 11.36 5.71
N ALA A 1359 10.31 11.47 6.43
CA ALA A 1359 10.97 10.27 6.94
C ALA A 1359 10.07 9.50 7.91
N LEU A 1360 9.24 10.20 8.67
CA LEU A 1360 8.29 9.51 9.53
C LEU A 1360 7.19 8.83 8.73
N LEU A 1361 6.73 9.44 7.64
CA LEU A 1361 5.73 8.75 6.83
C LEU A 1361 6.31 7.53 6.15
N GLN A 1362 7.59 7.58 5.79
CA GLN A 1362 8.21 6.41 5.17
C GLN A 1362 8.45 5.31 6.19
N VAL A 1363 8.76 5.66 7.44
CA VAL A 1363 8.86 4.64 8.47
C VAL A 1363 7.49 4.09 8.84
N ALA A 1364 6.47 4.95 8.90
CA ALA A 1364 5.17 4.51 9.37
C ALA A 1364 4.42 3.70 8.33
N THR A 1365 4.83 3.82 7.06
CA THR A 1365 4.29 2.95 6.01
C THR A 1365 5.24 1.80 5.67
N PHE A 1366 6.42 1.75 6.28
CA PHE A 1366 7.37 0.65 6.14
C PHE A 1366 7.97 0.58 4.74
N LYS A 1367 7.96 1.68 4.00
CA LYS A 1367 8.59 1.73 2.70
C LYS A 1367 9.80 2.65 2.80
N GLY A 1368 10.93 2.20 2.26
CA GLY A 1368 12.15 2.98 2.33
C GLY A 1368 12.63 3.24 3.72
N TRP A 1369 12.08 2.56 4.73
CA TRP A 1369 12.41 2.83 6.12
C TRP A 1369 13.78 2.29 6.43
N MET A 1370 14.26 1.37 5.60
CA MET A 1370 15.47 0.63 5.89
C MET A 1370 16.72 1.43 5.55
N ASP A 1371 16.70 2.16 4.44
CA ASP A 1371 17.82 3.03 4.10
C ASP A 1371 17.94 4.13 5.12
N ILE A 1372 16.83 4.43 5.81
CA ILE A 1372 16.82 5.38 6.91
C ILE A 1372 17.53 4.81 8.13
N MET A 1373 17.03 3.69 8.66
CA MET A 1373 17.61 3.10 9.85
C MET A 1373 19.09 2.78 9.68
N TYR A 1374 19.51 2.33 8.52
CA TYR A 1374 20.93 2.05 8.38
C TYR A 1374 21.78 3.29 8.60
N ALA A 1375 21.35 4.45 8.13
CA ALA A 1375 22.17 5.64 8.31
C ALA A 1375 21.85 6.34 9.62
N ALA A 1376 20.77 5.94 10.28
CA ALA A 1376 20.53 6.41 11.64
C ALA A 1376 21.49 5.73 12.61
N VAL A 1377 21.69 4.43 12.43
CA VAL A 1377 22.52 3.67 13.35
C VAL A 1377 23.98 3.70 12.95
N ASP A 1378 24.30 3.91 11.69
CA ASP A 1378 25.68 4.13 11.30
C ASP A 1378 26.22 5.44 11.83
N SER A 1379 25.37 6.29 12.39
CA SER A 1379 25.68 7.70 12.50
C SER A 1379 26.75 7.98 13.54
N ARG A 1380 27.42 9.11 13.35
CA ARG A 1380 28.54 9.53 14.20
C ARG A 1380 28.29 11.01 14.43
N GLU A 1381 29.28 11.77 14.87
CA GLU A 1381 29.06 13.21 14.99
C GLU A 1381 29.18 13.83 13.60
N VAL A 1382 28.96 15.14 13.49
CA VAL A 1382 28.68 15.81 12.22
C VAL A 1382 30.00 16.01 11.47
N ASN A 1383 29.94 15.90 10.13
CA ASN A 1383 31.08 15.85 9.21
C ASN A 1383 31.96 14.63 9.36
N MET A 1384 31.43 13.52 9.87
CA MET A 1384 32.24 12.33 10.04
C MET A 1384 31.59 11.17 9.30
N GLN A 1385 32.42 10.35 8.67
CA GLN A 1385 31.91 9.23 7.91
C GLN A 1385 31.22 8.22 8.80
N PRO A 1386 30.09 7.65 8.40
CA PRO A 1386 29.36 6.75 9.29
C PRO A 1386 30.06 5.41 9.44
N LYS A 1387 29.80 4.74 10.56
CA LYS A 1387 30.49 3.51 10.94
C LYS A 1387 29.48 2.37 10.99
N TRP A 1388 29.94 1.14 10.72
CA TRP A 1388 29.04 0.00 10.77
C TRP A 1388 28.42 -0.15 12.14
N GLU A 1389 27.13 0.13 12.23
CA GLU A 1389 26.37 0.02 13.48
C GLU A 1389 27.14 0.59 14.65
N ASP A 1390 27.41 1.87 14.60
CA ASP A 1390 28.02 2.57 15.72
C ASP A 1390 26.97 3.14 16.66
N ASN A 1391 25.70 3.00 16.33
CA ASN A 1391 24.63 3.46 17.21
C ASN A 1391 23.54 2.41 17.29
N VAL A 1392 23.94 1.17 17.55
CA VAL A 1392 23.05 0.02 17.45
C VAL A 1392 21.70 0.24 18.09
N TYR A 1393 21.63 1.09 19.12
CA TYR A 1393 20.43 1.20 19.95
C TYR A 1393 19.52 2.31 19.49
N MET A 1394 19.87 3.01 18.43
CA MET A 1394 18.95 3.95 17.80
C MET A 1394 17.77 3.28 17.12
N TYR A 1395 17.85 1.97 16.88
CA TYR A 1395 16.66 1.27 16.40
C TYR A 1395 15.53 1.40 17.40
N LEU A 1396 15.83 1.72 18.65
CA LEU A 1396 14.76 1.92 19.61
C LEU A 1396 13.95 3.17 19.28
N TYR A 1397 14.58 4.14 18.63
CA TYR A 1397 13.89 5.34 18.20
C TYR A 1397 12.79 4.99 17.19
N PHE A 1398 13.10 4.07 16.29
CA PHE A 1398 12.18 3.69 15.23
C PHE A 1398 11.16 2.68 15.72
N VAL A 1399 11.56 1.77 16.62
CA VAL A 1399 10.61 0.89 17.28
C VAL A 1399 9.58 1.69 18.07
N ILE A 1400 10.03 2.66 18.84
CA ILE A 1400 9.11 3.45 19.65
C ILE A 1400 8.20 4.26 18.76
N PHE A 1401 8.74 4.84 17.69
CA PHE A 1401 7.89 5.55 16.75
C PHE A 1401 6.82 4.64 16.18
N ILE A 1402 7.22 3.50 15.62
CA ILE A 1402 6.24 2.63 14.98
C ILE A 1402 5.15 2.25 15.98
N ILE A 1403 5.55 1.82 17.18
CA ILE A 1403 4.55 1.46 18.19
C ILE A 1403 3.58 2.61 18.41
N PHE A 1404 4.07 3.73 18.96
CA PHE A 1404 3.13 4.79 19.34
C PHE A 1404 2.48 5.45 18.14
N GLY A 1405 3.27 6.09 17.27
CA GLY A 1405 2.69 6.67 16.07
C GLY A 1405 1.84 5.69 15.30
N GLY A 1406 2.46 4.71 14.65
CA GLY A 1406 1.69 3.81 13.82
C GLY A 1406 0.54 3.15 14.56
N PHE A 1407 0.82 2.28 15.53
CA PHE A 1407 -0.25 1.50 16.13
C PHE A 1407 -1.34 2.40 16.73
N PHE A 1408 -0.98 3.35 17.60
CA PHE A 1408 -2.04 4.02 18.33
C PHE A 1408 -2.70 5.14 17.53
N THR A 1409 -1.94 5.92 16.73
CA THR A 1409 -2.62 6.89 15.89
C THR A 1409 -3.54 6.19 14.90
N LEU A 1410 -3.10 5.07 14.32
CA LEU A 1410 -3.96 4.33 13.42
C LEU A 1410 -5.20 3.83 14.13
N ASN A 1411 -5.05 3.38 15.38
CA ASN A 1411 -6.21 2.91 16.11
C ASN A 1411 -7.20 4.05 16.32
N LEU A 1412 -6.69 5.23 16.67
CA LEU A 1412 -7.57 6.39 16.81
C LEU A 1412 -8.27 6.72 15.50
N PHE A 1413 -7.52 6.68 14.40
CA PHE A 1413 -8.09 7.03 13.10
C PHE A 1413 -9.23 6.08 12.76
N VAL A 1414 -9.00 4.79 12.94
CA VAL A 1414 -10.02 3.81 12.56
C VAL A 1414 -11.21 3.89 13.51
N GLY A 1415 -10.96 4.24 14.77
CA GLY A 1415 -12.08 4.40 15.70
C GLY A 1415 -12.99 5.53 15.29
N VAL A 1416 -12.42 6.68 14.92
CA VAL A 1416 -13.28 7.77 14.49
C VAL A 1416 -13.95 7.45 13.15
N ILE A 1417 -13.27 6.69 12.28
CA ILE A 1417 -13.89 6.29 11.01
C ILE A 1417 -15.11 5.43 11.25
N ILE A 1418 -15.01 4.42 12.11
CA ILE A 1418 -16.19 3.59 12.38
C ILE A 1418 -17.28 4.39 13.06
N ASP A 1419 -16.94 5.24 14.03
CA ASP A 1419 -18.01 5.99 14.68
C ASP A 1419 -18.70 6.92 13.68
N ASN A 1420 -17.92 7.60 12.85
CA ASN A 1420 -18.48 8.48 11.84
C ASN A 1420 -19.39 7.70 10.92
N PHE A 1421 -18.92 6.57 10.39
CA PHE A 1421 -19.74 5.83 9.44
C PHE A 1421 -21.02 5.36 10.10
N ASN A 1422 -20.95 4.90 11.35
CA ASN A 1422 -22.15 4.42 12.01
C ASN A 1422 -23.18 5.53 12.16
N GLN A 1423 -22.78 6.69 12.66
CA GLN A 1423 -23.77 7.76 12.81
C GLN A 1423 -24.26 8.26 11.47
N GLN A 1424 -23.38 8.29 10.47
CA GLN A 1424 -23.74 8.71 9.13
C GLN A 1424 -24.82 7.82 8.54
N LYS A 1425 -24.64 6.51 8.65
CA LYS A 1425 -25.64 5.55 8.19
C LYS A 1425 -26.93 5.73 8.98
N LYS A 1426 -26.84 5.87 10.30
CA LYS A 1426 -28.05 5.93 11.11
C LYS A 1426 -28.87 7.17 10.80
N LYS A 1427 -28.22 8.26 10.36
CA LYS A 1427 -28.97 9.45 9.99
C LYS A 1427 -29.96 9.16 8.86
N LEU A 1428 -29.52 8.42 7.84
CA LEU A 1428 -30.29 8.25 6.62
C LEU A 1428 -31.42 7.24 6.77
N GLY A 1429 -31.76 6.89 8.00
CA GLY A 1429 -32.79 5.89 8.24
C GLY A 1429 -32.27 4.48 8.07
N GLY A 1430 -30.97 4.31 8.26
CA GLY A 1430 -30.35 3.00 8.11
C GLY A 1430 -30.37 2.42 6.71
N GLN A 1431 -30.02 3.22 5.71
CA GLN A 1431 -29.83 2.69 4.36
C GLN A 1431 -28.35 2.50 4.10
N ASP A 1432 -28.02 2.21 2.85
CA ASP A 1432 -26.67 1.81 2.48
C ASP A 1432 -25.96 2.97 1.82
N ILE A 1433 -24.63 2.97 1.87
CA ILE A 1433 -23.84 3.99 1.20
C ILE A 1433 -22.96 3.33 0.13
N PHE A 1434 -22.33 4.16 -0.69
CA PHE A 1434 -21.58 3.71 -1.87
C PHE A 1434 -22.50 3.09 -2.91
N MET A 1435 -23.81 3.16 -2.69
CA MET A 1435 -24.74 2.46 -3.56
C MET A 1435 -25.83 3.40 -4.02
N THR A 1436 -26.18 3.29 -5.30
CA THR A 1436 -27.16 4.14 -5.93
C THR A 1436 -28.56 3.66 -5.61
N GLU A 1437 -29.54 4.16 -6.34
CA GLU A 1437 -30.91 3.70 -6.12
C GLU A 1437 -31.20 2.40 -6.86
N GLU A 1438 -30.59 2.20 -8.03
CA GLU A 1438 -30.79 0.96 -8.78
C GLU A 1438 -29.93 -0.15 -8.23
N GLN A 1439 -28.77 0.19 -7.69
CA GLN A 1439 -27.94 -0.82 -7.04
C GLN A 1439 -28.67 -1.43 -5.86
N LYS A 1440 -29.54 -0.67 -5.20
CA LYS A 1440 -30.36 -1.23 -4.13
C LYS A 1440 -31.35 -2.25 -4.69
N LYS A 1441 -31.82 -2.04 -5.91
CA LYS A 1441 -32.74 -3.01 -6.50
C LYS A 1441 -32.00 -4.26 -6.90
N TYR A 1442 -30.80 -4.11 -7.45
CA TYR A 1442 -29.98 -5.28 -7.76
C TYR A 1442 -29.64 -6.04 -6.49
N TYR A 1443 -29.40 -5.31 -5.40
CA TYR A 1443 -29.17 -5.89 -4.08
C TYR A 1443 -30.36 -6.71 -3.62
N ASN A 1444 -31.57 -6.19 -3.81
CA ASN A 1444 -32.74 -6.97 -3.41
C ASN A 1444 -32.78 -8.30 -4.15
N ALA A 1445 -32.49 -8.29 -5.45
CA ALA A 1445 -32.46 -9.53 -6.21
C ALA A 1445 -31.40 -10.49 -5.66
N MET A 1446 -30.17 -10.01 -5.51
CA MET A 1446 -29.10 -10.91 -5.05
C MET A 1446 -29.44 -11.46 -3.67
N LYS A 1447 -29.96 -10.62 -2.78
CA LYS A 1447 -30.34 -11.09 -1.45
C LYS A 1447 -31.41 -12.17 -1.53
N LYS A 1448 -32.39 -12.00 -2.42
CA LYS A 1448 -33.44 -13.02 -2.52
C LYS A 1448 -32.93 -14.28 -3.21
N LEU A 1449 -31.79 -14.18 -3.91
CA LEU A 1449 -31.21 -15.38 -4.51
C LEU A 1449 -30.76 -16.39 -3.46
N GLY A 1450 -29.94 -15.95 -2.51
CA GLY A 1450 -29.27 -16.88 -1.63
C GLY A 1450 -30.08 -17.33 -0.43
N SER A 1451 -31.40 -17.45 -0.60
CA SER A 1451 -32.25 -17.84 0.50
C SER A 1451 -33.27 -18.92 0.11
N LYS A 1452 -33.56 -19.03 -1.19
CA LYS A 1452 -34.65 -19.89 -1.63
C LYS A 1452 -34.33 -21.36 -1.42
N LYS A 1453 -34.97 -21.95 -0.41
CA LYS A 1453 -34.75 -23.33 -0.01
C LYS A 1453 -35.52 -24.37 -0.84
N PRO A 1454 -36.82 -24.19 -1.09
CA PRO A 1454 -37.55 -25.22 -1.87
C PRO A 1454 -37.40 -24.98 -3.36
N GLN A 1455 -37.29 -26.08 -4.09
CA GLN A 1455 -37.22 -26.04 -5.54
C GLN A 1455 -38.05 -27.26 -5.88
N LYS A 1456 -38.80 -27.22 -6.97
CA LYS A 1456 -39.70 -28.35 -7.25
C LYS A 1456 -38.96 -29.66 -7.38
N PRO A 1457 -39.44 -30.72 -6.69
CA PRO A 1457 -38.83 -32.04 -6.87
C PRO A 1457 -39.04 -32.41 -8.31
N ILE A 1458 -37.98 -32.81 -9.01
CA ILE A 1458 -38.16 -33.01 -10.45
C ILE A 1458 -38.96 -34.29 -10.69
N PRO A 1459 -39.73 -34.38 -11.78
CA PRO A 1459 -40.45 -35.62 -12.09
C PRO A 1459 -39.51 -36.72 -12.54
N ARG A 1460 -39.94 -37.97 -12.32
CA ARG A 1460 -39.14 -39.14 -12.67
C ARG A 1460 -39.39 -39.56 -14.11
N PRO A 1461 -38.39 -40.10 -14.81
CA PRO A 1461 -38.56 -40.47 -16.22
C PRO A 1461 -39.48 -41.66 -16.43
N LEU A 1462 -40.00 -41.80 -17.64
CA LEU A 1462 -40.92 -42.89 -17.95
C LEU A 1462 -40.20 -44.04 -18.64
N ASN A 1463 -39.49 -43.74 -19.72
CA ASN A 1463 -38.73 -44.76 -20.43
C ASN A 1463 -37.80 -45.54 -19.51
N LYS A 1464 -37.65 -46.83 -19.75
CA LYS A 1464 -36.84 -47.66 -18.87
C LYS A 1464 -35.37 -47.26 -18.83
N PHE A 1465 -34.79 -46.91 -19.97
CA PHE A 1465 -33.37 -46.60 -20.00
C PHE A 1465 -33.14 -45.15 -19.57
N GLN A 1466 -33.98 -44.22 -20.02
CA GLN A 1466 -33.86 -42.85 -19.54
C GLN A 1466 -34.23 -42.79 -18.06
N GLY A 1467 -34.82 -43.86 -17.53
CA GLY A 1467 -35.04 -43.93 -16.09
C GLY A 1467 -33.81 -44.40 -15.34
N PHE A 1468 -32.99 -45.25 -15.97
CA PHE A 1468 -31.88 -45.88 -15.26
C PHE A 1468 -30.73 -44.91 -15.03
N VAL A 1469 -30.38 -44.11 -16.04
CA VAL A 1469 -29.38 -43.08 -15.80
C VAL A 1469 -29.87 -42.11 -14.73
N PHE A 1470 -31.17 -41.81 -14.73
CA PHE A 1470 -31.76 -41.01 -13.66
C PHE A 1470 -31.53 -41.66 -12.31
N ASP A 1471 -31.69 -42.98 -12.25
CA ASP A 1471 -31.47 -43.71 -11.00
C ASP A 1471 -30.02 -43.64 -10.56
N ILE A 1472 -29.08 -43.61 -11.52
CA ILE A 1472 -27.67 -43.73 -11.18
C ILE A 1472 -27.00 -42.41 -10.86
N VAL A 1473 -27.29 -41.35 -11.61
CA VAL A 1473 -26.59 -40.10 -11.45
C VAL A 1473 -27.08 -39.32 -10.23
N THR A 1474 -28.35 -39.53 -9.86
CA THR A 1474 -29.05 -38.64 -8.93
C THR A 1474 -28.81 -39.02 -7.46
N ARG A 1475 -28.32 -40.24 -7.19
CA ARG A 1475 -27.94 -40.62 -5.84
C ARG A 1475 -26.72 -39.80 -5.38
N GLN A 1476 -26.25 -40.07 -4.17
CA GLN A 1476 -25.13 -39.32 -3.63
C GLN A 1476 -23.80 -39.91 -4.08
N ALA A 1477 -23.79 -41.21 -4.40
CA ALA A 1477 -22.54 -41.88 -4.75
C ALA A 1477 -21.89 -41.27 -5.99
N PHE A 1478 -22.68 -40.97 -7.02
CA PHE A 1478 -22.10 -40.38 -8.21
C PHE A 1478 -21.47 -39.03 -7.89
N ASP A 1479 -22.15 -38.23 -7.10
CA ASP A 1479 -21.61 -36.93 -6.76
C ASP A 1479 -20.29 -37.08 -6.03
N ILE A 1480 -20.22 -38.01 -5.09
CA ILE A 1480 -18.99 -38.15 -4.31
C ILE A 1480 -17.86 -38.71 -5.16
N THR A 1481 -18.16 -39.63 -6.10
CA THR A 1481 -17.12 -40.16 -6.97
C THR A 1481 -16.55 -39.07 -7.87
N ILE A 1482 -17.41 -38.21 -8.40
CA ILE A 1482 -16.93 -37.10 -9.24
C ILE A 1482 -16.17 -36.09 -8.40
N MET A 1483 -16.62 -35.86 -7.16
CA MET A 1483 -15.91 -34.96 -6.25
C MET A 1483 -14.49 -35.43 -6.02
N VAL A 1484 -14.33 -36.70 -5.66
CA VAL A 1484 -12.99 -37.22 -5.42
C VAL A 1484 -12.19 -37.27 -6.72
N LEU A 1485 -12.86 -37.43 -7.86
CA LEU A 1485 -12.13 -37.48 -9.13
C LEU A 1485 -11.63 -36.09 -9.54
N ILE A 1486 -12.39 -35.04 -9.23
CA ILE A 1486 -11.85 -33.69 -9.38
C ILE A 1486 -10.63 -33.51 -8.50
N CYS A 1487 -10.69 -34.02 -7.26
CA CYS A 1487 -9.52 -33.87 -6.40
C CYS A 1487 -8.32 -34.60 -6.99
N LEU A 1488 -8.51 -35.78 -7.55
CA LEU A 1488 -7.38 -36.48 -8.16
C LEU A 1488 -6.88 -35.76 -9.41
N ASN A 1489 -7.79 -35.10 -10.14
CA ASN A 1489 -7.33 -34.24 -11.22
C ASN A 1489 -6.46 -33.10 -10.69
N MET A 1490 -6.85 -32.53 -9.55
CA MET A 1490 -6.03 -31.50 -8.94
C MET A 1490 -4.63 -32.03 -8.65
N ILE A 1491 -4.56 -33.22 -8.05
CA ILE A 1491 -3.26 -33.82 -7.75
C ILE A 1491 -2.47 -34.04 -9.03
N THR A 1492 -3.15 -34.40 -10.12
CA THR A 1492 -2.48 -34.52 -11.41
C THR A 1492 -2.00 -33.16 -11.89
N MET A 1493 -2.66 -32.09 -11.48
CA MET A 1493 -2.22 -30.74 -11.84
C MET A 1493 -1.00 -30.28 -11.07
N MET A 1494 -0.94 -30.54 -9.77
CA MET A 1494 0.14 -30.05 -8.92
C MET A 1494 1.50 -30.63 -9.23
N VAL A 1495 1.59 -31.80 -9.87
CA VAL A 1495 2.88 -32.41 -10.18
C VAL A 1495 3.56 -31.71 -11.35
N GLU A 1496 2.83 -30.90 -12.10
CA GLU A 1496 3.38 -30.24 -13.27
C GLU A 1496 4.56 -29.37 -12.87
N THR A 1497 5.56 -29.27 -13.73
CA THR A 1497 6.83 -28.71 -13.31
C THR A 1497 7.61 -28.20 -14.50
N ASP A 1498 8.38 -27.13 -14.31
CA ASP A 1498 9.30 -26.67 -15.34
C ASP A 1498 10.41 -27.68 -15.58
N ASP A 1499 10.69 -27.96 -16.85
CA ASP A 1499 11.80 -28.80 -17.26
C ASP A 1499 11.83 -30.10 -16.47
N GLN A 1500 10.70 -30.81 -16.53
CA GLN A 1500 10.56 -32.06 -15.80
C GLN A 1500 11.24 -33.19 -16.56
N SER A 1501 10.70 -33.52 -17.73
CA SER A 1501 11.16 -34.59 -18.58
C SER A 1501 10.20 -34.63 -19.76
N GLU A 1502 10.50 -35.48 -20.73
CA GLU A 1502 9.55 -35.68 -21.82
C GLU A 1502 8.49 -36.71 -21.41
N GLU A 1503 8.91 -37.79 -20.78
CA GLU A 1503 8.00 -38.86 -20.44
C GLU A 1503 6.93 -38.39 -19.46
N LYS A 1504 7.31 -37.58 -18.47
CA LYS A 1504 6.31 -37.14 -17.51
C LYS A 1504 5.27 -36.26 -18.17
N THR A 1505 5.70 -35.40 -19.09
CA THR A 1505 4.75 -34.58 -19.84
C THR A 1505 3.77 -35.44 -20.63
N LYS A 1506 4.28 -36.45 -21.33
CA LYS A 1506 3.41 -37.30 -22.11
C LYS A 1506 2.44 -38.05 -21.22
N ILE A 1507 2.90 -38.61 -20.11
CA ILE A 1507 2.01 -39.37 -19.23
C ILE A 1507 0.96 -38.47 -18.62
N LEU A 1508 1.33 -37.24 -18.23
CA LEU A 1508 0.35 -36.31 -17.69
C LEU A 1508 -0.70 -35.93 -18.74
N GLY A 1509 -0.28 -35.70 -19.97
CA GLY A 1509 -1.25 -35.45 -21.03
C GLY A 1509 -2.19 -36.61 -21.25
N LYS A 1510 -1.69 -37.84 -21.17
CA LYS A 1510 -2.60 -38.98 -21.30
C LYS A 1510 -3.60 -39.01 -20.17
N ILE A 1511 -3.14 -38.74 -18.95
CA ILE A 1511 -4.04 -38.72 -17.81
C ILE A 1511 -5.02 -37.56 -17.95
N ASN A 1512 -4.58 -36.45 -18.52
CA ASN A 1512 -5.47 -35.31 -18.74
C ASN A 1512 -6.56 -35.76 -19.71
N GLN A 1513 -6.18 -36.53 -20.74
CA GLN A 1513 -7.17 -37.03 -21.69
C GLN A 1513 -8.17 -37.93 -20.97
N PHE A 1514 -7.69 -38.71 -20.01
CA PHE A 1514 -8.60 -39.55 -19.25
C PHE A 1514 -9.63 -38.71 -18.50
N PHE A 1515 -9.21 -37.64 -17.84
CA PHE A 1515 -10.20 -36.76 -17.19
C PHE A 1515 -11.15 -36.03 -18.15
N VAL A 1516 -10.65 -35.53 -19.28
CA VAL A 1516 -11.55 -34.77 -20.15
C VAL A 1516 -12.59 -35.74 -20.70
N ALA A 1517 -12.22 -37.02 -20.86
CA ALA A 1517 -13.20 -38.01 -21.30
C ALA A 1517 -14.22 -38.32 -20.21
N VAL A 1518 -13.74 -38.56 -18.99
CA VAL A 1518 -14.68 -38.83 -17.90
C VAL A 1518 -15.58 -37.65 -17.66
N PHE A 1519 -15.05 -36.42 -17.64
CA PHE A 1519 -15.99 -35.33 -17.36
C PHE A 1519 -16.99 -35.15 -18.49
N THR A 1520 -16.59 -35.48 -19.72
CA THR A 1520 -17.56 -35.46 -20.82
C THR A 1520 -18.61 -36.52 -20.54
N GLY A 1521 -18.17 -37.71 -20.11
CA GLY A 1521 -19.11 -38.79 -19.80
C GLY A 1521 -20.10 -38.40 -18.73
N GLU A 1522 -19.66 -37.63 -17.75
CA GLU A 1522 -20.53 -37.15 -16.68
C GLU A 1522 -21.63 -36.24 -17.23
N CYS A 1523 -21.23 -35.25 -18.04
CA CYS A 1523 -22.19 -34.30 -18.58
C CYS A 1523 -23.16 -34.98 -19.53
N VAL A 1524 -22.67 -35.83 -20.44
CA VAL A 1524 -23.57 -36.46 -21.41
C VAL A 1524 -24.55 -37.38 -20.69
N MET A 1525 -24.10 -38.06 -19.63
CA MET A 1525 -25.02 -38.85 -18.84
C MET A 1525 -26.07 -37.97 -18.17
N LYS A 1526 -25.68 -36.80 -17.68
CA LYS A 1526 -26.67 -35.90 -17.10
C LYS A 1526 -27.70 -35.47 -18.13
N MET A 1527 -27.24 -35.07 -19.32
CA MET A 1527 -28.17 -34.63 -20.36
C MET A 1527 -29.18 -35.71 -20.69
N PHE A 1528 -28.71 -36.96 -20.85
CA PHE A 1528 -29.64 -37.99 -21.28
C PHE A 1528 -30.74 -38.19 -20.26
N ALA A 1529 -30.42 -38.10 -18.97
CA ALA A 1529 -31.41 -38.27 -17.91
C ALA A 1529 -32.18 -36.96 -17.69
N LEU A 1530 -31.46 -35.90 -17.33
CA LEU A 1530 -32.10 -34.59 -17.11
C LEU A 1530 -32.06 -33.72 -18.36
N ARG A 1531 -33.09 -33.78 -19.19
CA ARG A 1531 -33.13 -33.00 -20.42
C ARG A 1531 -33.16 -31.47 -20.24
N GLN A 1532 -34.06 -30.96 -19.41
CA GLN A 1532 -34.19 -29.51 -19.28
C GLN A 1532 -33.99 -29.08 -17.85
N TYR A 1533 -34.12 -30.01 -16.93
CA TYR A 1533 -33.96 -29.71 -15.52
C TYR A 1533 -32.53 -29.29 -15.33
N TYR A 1534 -31.62 -29.95 -16.02
CA TYR A 1534 -30.21 -29.58 -15.99
C TYR A 1534 -30.02 -28.10 -16.26
N PHE A 1535 -30.62 -27.61 -17.33
CA PHE A 1535 -30.38 -26.23 -17.75
C PHE A 1535 -31.17 -25.19 -16.94
N THR A 1536 -31.98 -25.65 -15.99
CA THR A 1536 -32.59 -24.78 -14.99
C THR A 1536 -31.57 -24.35 -13.94
N ASN A 1537 -30.79 -25.30 -13.43
CA ASN A 1537 -29.86 -25.00 -12.35
C ASN A 1537 -28.74 -24.10 -12.86
N GLY A 1538 -27.86 -23.70 -11.95
CA GLY A 1538 -26.70 -22.91 -12.31
C GLY A 1538 -25.39 -23.65 -12.33
N TRP A 1539 -25.14 -24.49 -11.34
CA TRP A 1539 -23.91 -25.27 -11.24
C TRP A 1539 -23.78 -26.24 -12.40
N ASN A 1540 -24.89 -26.79 -12.85
CA ASN A 1540 -25.00 -27.54 -14.07
C ASN A 1540 -24.55 -26.74 -15.27
N VAL A 1541 -24.92 -25.46 -15.34
CA VAL A 1541 -24.46 -24.63 -16.44
C VAL A 1541 -22.97 -24.35 -16.32
N PHE A 1542 -22.46 -24.17 -15.10
CA PHE A 1542 -21.02 -23.91 -14.97
C PHE A 1542 -20.19 -25.10 -15.45
N ASP A 1543 -20.50 -26.30 -14.98
CA ASP A 1543 -19.66 -27.41 -15.40
C ASP A 1543 -19.92 -27.74 -16.87
N PHE A 1544 -21.08 -27.39 -17.41
CA PHE A 1544 -21.24 -27.44 -18.86
C PHE A 1544 -20.24 -26.53 -19.56
N ILE A 1545 -20.09 -25.29 -19.06
CA ILE A 1545 -19.16 -24.37 -19.70
C ILE A 1545 -17.75 -24.92 -19.65
N VAL A 1546 -17.35 -25.49 -18.50
CA VAL A 1546 -15.97 -25.96 -18.40
C VAL A 1546 -15.75 -27.23 -19.20
N VAL A 1547 -16.78 -28.06 -19.35
CA VAL A 1547 -16.66 -29.23 -20.22
C VAL A 1547 -16.42 -28.80 -21.65
N VAL A 1548 -17.25 -27.89 -22.16
CA VAL A 1548 -17.08 -27.47 -23.55
C VAL A 1548 -15.76 -26.72 -23.72
N LEU A 1549 -15.35 -25.96 -22.71
CA LEU A 1549 -14.06 -25.28 -22.81
C LEU A 1549 -12.91 -26.27 -22.82
N SER A 1550 -12.99 -27.33 -22.03
CA SER A 1550 -11.89 -28.27 -22.01
C SER A 1550 -11.78 -29.01 -23.35
N ILE A 1551 -12.91 -29.47 -23.89
CA ILE A 1551 -12.83 -30.15 -25.18
C ILE A 1551 -12.35 -29.18 -26.25
N ALA A 1552 -12.87 -27.96 -26.26
CA ALA A 1552 -12.48 -26.98 -27.28
C ALA A 1552 -11.01 -26.62 -27.16
N SER A 1553 -10.49 -26.54 -25.94
CA SER A 1553 -9.09 -26.23 -25.75
C SER A 1553 -8.22 -27.36 -26.25
N LEU A 1554 -8.64 -28.61 -26.03
CA LEU A 1554 -7.85 -29.71 -26.56
C LEU A 1554 -7.87 -29.71 -28.08
N ILE A 1555 -9.02 -29.38 -28.67
CA ILE A 1555 -9.09 -29.31 -30.13
C ILE A 1555 -8.25 -28.14 -30.66
N PHE A 1556 -8.29 -27.00 -29.98
CA PHE A 1556 -7.50 -25.83 -30.37
C PHE A 1556 -6.02 -26.15 -30.34
N SER A 1557 -5.54 -26.79 -29.28
CA SER A 1557 -4.16 -27.20 -29.22
C SER A 1557 -3.85 -28.17 -30.34
N ALA A 1558 -4.75 -29.14 -30.57
CA ALA A 1558 -4.52 -30.14 -31.60
C ALA A 1558 -4.30 -29.49 -32.97
N ILE A 1559 -5.12 -28.50 -33.32
CA ILE A 1559 -4.95 -27.89 -34.62
C ILE A 1559 -3.76 -26.94 -34.63
N LEU A 1560 -3.75 -25.94 -33.74
CA LEU A 1560 -2.73 -24.89 -33.77
C LEU A 1560 -1.35 -25.39 -33.34
N LYS A 1561 -1.22 -26.68 -33.06
CA LYS A 1561 0.04 -27.29 -32.64
C LYS A 1561 0.97 -27.41 -33.83
N SER A 1562 2.13 -28.05 -33.63
CA SER A 1562 3.11 -28.28 -34.69
C SER A 1562 2.48 -28.88 -35.95
N LEU A 1563 1.25 -29.36 -35.87
CA LEU A 1563 0.53 -29.73 -37.08
C LEU A 1563 0.26 -28.50 -37.94
N GLN A 1564 -0.09 -27.37 -37.32
CA GLN A 1564 -0.27 -26.16 -38.11
C GLN A 1564 0.65 -25.03 -37.65
N SER A 1565 0.37 -23.82 -38.14
CA SER A 1565 1.26 -22.66 -38.06
C SER A 1565 1.81 -22.42 -36.66
N TYR A 1566 3.12 -22.50 -36.50
CA TYR A 1566 3.73 -22.49 -35.17
C TYR A 1566 3.84 -21.05 -34.70
N PHE A 1567 2.85 -20.61 -33.93
CA PHE A 1567 2.96 -19.33 -33.26
C PHE A 1567 3.78 -19.47 -31.99
N SER A 1568 3.77 -18.41 -31.18
CA SER A 1568 4.50 -18.34 -29.93
C SER A 1568 4.07 -19.44 -28.98
N PRO A 1569 5.01 -20.05 -28.25
CA PRO A 1569 4.63 -21.10 -27.28
C PRO A 1569 3.66 -20.56 -26.24
N THR A 1570 3.86 -19.30 -25.87
CA THR A 1570 3.16 -18.71 -24.73
C THR A 1570 1.65 -18.80 -24.92
N LEU A 1571 1.19 -18.86 -26.16
CA LEU A 1571 -0.23 -19.05 -26.41
C LEU A 1571 -0.68 -20.40 -25.86
N PHE A 1572 0.21 -21.40 -25.88
CA PHE A 1572 -0.18 -22.72 -25.41
C PHE A 1572 -0.41 -22.73 -23.91
N ARG A 1573 0.40 -21.99 -23.15
CA ARG A 1573 0.19 -21.90 -21.71
C ARG A 1573 -1.16 -21.27 -21.38
N VAL A 1574 -1.55 -20.24 -22.15
CA VAL A 1574 -2.85 -19.63 -21.94
C VAL A 1574 -3.96 -20.59 -22.29
N ILE A 1575 -3.76 -21.37 -23.35
CA ILE A 1575 -4.76 -22.35 -23.76
C ILE A 1575 -4.95 -23.42 -22.69
N ARG A 1576 -3.86 -23.86 -22.07
CA ARG A 1576 -3.95 -24.95 -21.10
C ARG A 1576 -4.67 -24.53 -19.82
N LEU A 1577 -5.28 -23.34 -19.79
CA LEU A 1577 -5.82 -22.81 -18.54
C LEU A 1577 -7.31 -23.07 -18.41
N ALA A 1578 -7.90 -23.85 -19.28
CA ALA A 1578 -9.31 -24.18 -19.23
C ALA A 1578 -9.61 -25.26 -18.30
N ARG A 1579 -8.55 -25.85 -17.77
CA ARG A 1579 -8.65 -26.91 -16.78
C ARG A 1579 -9.00 -26.39 -15.39
N ILE A 1580 -8.54 -25.19 -15.03
CA ILE A 1580 -8.74 -24.69 -13.68
C ILE A 1580 -10.24 -24.50 -13.38
N GLY A 1581 -11.07 -24.36 -14.40
CA GLY A 1581 -12.49 -24.38 -14.16
C GLY A 1581 -12.95 -25.69 -13.55
N ARG A 1582 -12.31 -26.80 -13.94
CA ARG A 1582 -12.60 -28.07 -13.31
C ARG A 1582 -12.41 -27.98 -11.80
N ILE A 1583 -11.29 -27.39 -11.38
CA ILE A 1583 -11.05 -27.16 -9.96
C ILE A 1583 -12.18 -26.33 -9.36
N LEU A 1584 -12.52 -25.22 -10.00
CA LEU A 1584 -13.53 -24.34 -9.43
C LEU A 1584 -14.89 -25.00 -9.39
N ARG A 1585 -15.05 -26.15 -10.03
CA ARG A 1585 -16.29 -26.92 -9.83
C ARG A 1585 -16.46 -27.33 -8.38
N LEU A 1586 -15.38 -27.31 -7.59
CA LEU A 1586 -15.33 -27.96 -6.29
C LEU A 1586 -16.21 -27.33 -5.22
N ILE A 1587 -16.76 -26.14 -5.46
CA ILE A 1587 -17.36 -25.39 -4.37
C ILE A 1587 -18.85 -25.62 -4.27
N ARG A 1588 -19.37 -26.70 -4.85
CA ARG A 1588 -20.80 -26.97 -4.72
C ARG A 1588 -21.19 -27.47 -3.34
N ALA A 1589 -20.35 -28.30 -2.72
CA ALA A 1589 -20.70 -28.82 -1.41
C ALA A 1589 -20.05 -28.03 -0.29
N ALA A 1590 -19.00 -27.27 -0.61
CA ALA A 1590 -18.25 -26.53 0.40
C ALA A 1590 -19.05 -25.37 0.97
N LYS A 1591 -19.57 -25.52 2.19
CA LYS A 1591 -20.35 -24.45 2.81
C LYS A 1591 -19.55 -23.17 2.97
N GLY A 1592 -18.35 -23.28 3.55
CA GLY A 1592 -17.61 -22.07 3.88
C GLY A 1592 -17.18 -21.30 2.66
N ILE A 1593 -16.60 -21.99 1.69
CA ILE A 1593 -16.13 -21.31 0.48
C ILE A 1593 -17.30 -20.63 -0.19
N ARG A 1594 -18.42 -21.33 -0.33
CA ARG A 1594 -19.57 -20.80 -1.04
C ARG A 1594 -20.20 -19.61 -0.33
N THR A 1595 -20.33 -19.68 1.00
CA THR A 1595 -20.94 -18.56 1.72
C THR A 1595 -20.07 -17.31 1.69
N LEU A 1596 -18.76 -17.45 1.90
CA LEU A 1596 -17.93 -16.24 1.84
C LEU A 1596 -17.83 -15.70 0.41
N LEU A 1597 -17.91 -16.58 -0.59
CA LEU A 1597 -17.93 -16.05 -1.96
C LEU A 1597 -19.24 -15.31 -2.25
N PHE A 1598 -20.35 -15.78 -1.69
CA PHE A 1598 -21.60 -15.05 -1.86
C PHE A 1598 -21.52 -13.68 -1.17
N ALA A 1599 -20.84 -13.61 -0.03
CA ALA A 1599 -20.63 -12.30 0.58
C ALA A 1599 -19.82 -11.39 -0.34
N LEU A 1600 -18.78 -11.93 -1.00
CA LEU A 1600 -18.03 -11.13 -1.94
C LEU A 1600 -18.92 -10.63 -3.08
N MET A 1601 -19.79 -11.50 -3.60
CA MET A 1601 -20.65 -11.08 -4.69
C MET A 1601 -21.61 -9.99 -4.26
N MET A 1602 -22.20 -10.10 -3.06
CA MET A 1602 -23.05 -9.03 -2.57
C MET A 1602 -22.28 -7.72 -2.42
N SER A 1603 -21.01 -7.78 -2.02
CA SER A 1603 -20.25 -6.54 -1.90
C SER A 1603 -19.87 -5.93 -3.25
N LEU A 1604 -19.74 -6.75 -4.29
CA LEU A 1604 -19.15 -6.28 -5.55
C LEU A 1604 -19.75 -5.00 -6.15
N PRO A 1605 -21.04 -4.65 -5.98
CA PRO A 1605 -21.48 -3.34 -6.49
C PRO A 1605 -20.77 -2.14 -5.87
N ALA A 1606 -20.79 -2.01 -4.53
CA ALA A 1606 -20.12 -0.89 -3.89
C ALA A 1606 -18.63 -0.90 -4.22
N LEU A 1607 -18.05 -2.09 -4.26
CA LEU A 1607 -16.66 -2.22 -4.72
C LEU A 1607 -16.50 -1.64 -6.12
N PHE A 1608 -17.51 -1.79 -6.97
CA PHE A 1608 -17.43 -1.23 -8.31
C PHE A 1608 -17.44 0.29 -8.28
N ASN A 1609 -18.28 0.88 -7.44
CA ASN A 1609 -18.35 2.34 -7.36
C ASN A 1609 -17.03 2.93 -6.84
N ILE A 1610 -16.55 2.43 -5.71
CA ILE A 1610 -15.28 2.92 -5.19
C ILE A 1610 -14.13 2.58 -6.14
N GLY A 1611 -14.25 1.49 -6.90
CA GLY A 1611 -13.25 1.22 -7.91
C GLY A 1611 -13.28 2.25 -9.03
N LEU A 1612 -14.47 2.72 -9.37
CA LEU A 1612 -14.58 3.79 -10.37
C LEU A 1612 -13.88 5.04 -9.89
N LEU A 1613 -14.11 5.42 -8.63
CA LEU A 1613 -13.49 6.64 -8.12
C LEU A 1613 -11.97 6.49 -8.00
N LEU A 1614 -11.50 5.35 -7.49
CA LEU A 1614 -10.07 5.10 -7.45
C LEU A 1614 -9.47 5.07 -8.85
N PHE A 1615 -10.22 4.60 -9.84
CA PHE A 1615 -9.75 4.63 -11.21
C PHE A 1615 -9.60 6.06 -11.71
N LEU A 1616 -10.59 6.91 -11.45
CA LEU A 1616 -10.48 8.29 -11.89
C LEU A 1616 -9.25 8.94 -11.29
N VAL A 1617 -8.99 8.69 -10.01
CA VAL A 1617 -7.83 9.27 -9.34
C VAL A 1617 -6.53 8.76 -9.93
N MET A 1618 -6.43 7.44 -10.14
CA MET A 1618 -5.25 6.86 -10.78
C MET A 1618 -5.05 7.45 -12.17
N PHE A 1619 -6.14 7.73 -12.88
CA PHE A 1619 -6.05 8.25 -14.23
C PHE A 1619 -5.49 9.69 -14.23
N ILE A 1620 -6.09 10.56 -13.40
CA ILE A 1620 -5.60 11.93 -13.28
C ILE A 1620 -4.12 11.94 -12.90
N TYR A 1621 -3.76 11.16 -11.88
CA TYR A 1621 -2.39 11.13 -11.43
C TYR A 1621 -1.48 10.54 -12.49
N SER A 1622 -2.01 9.66 -13.34
CA SER A 1622 -1.24 9.13 -14.45
C SER A 1622 -0.81 10.24 -15.39
N ILE A 1623 -1.74 11.13 -15.75
CA ILE A 1623 -1.37 12.21 -16.68
C ILE A 1623 -0.45 13.22 -16.02
N PHE A 1624 -0.72 13.57 -14.76
CA PHE A 1624 0.19 14.44 -14.03
C PHE A 1624 1.61 13.91 -14.05
N GLY A 1625 1.78 12.62 -13.74
CA GLY A 1625 3.11 12.06 -13.80
C GLY A 1625 3.70 12.08 -15.18
N MET A 1626 2.90 11.72 -16.18
CA MET A 1626 3.39 11.60 -17.53
C MET A 1626 3.86 12.93 -18.11
N SER A 1627 3.30 14.05 -17.64
CA SER A 1627 3.75 15.38 -18.03
C SER A 1627 4.84 15.95 -17.14
N SER A 1628 4.95 15.51 -15.90
CA SER A 1628 5.93 16.12 -15.00
C SER A 1628 7.23 15.35 -14.81
N PHE A 1629 7.18 14.02 -14.80
CA PHE A 1629 8.40 13.25 -14.50
C PHE A 1629 9.08 12.33 -15.56
N PRO A 1630 8.80 12.50 -16.88
CA PRO A 1630 9.46 11.56 -17.80
C PRO A 1630 11.00 11.65 -17.87
N HIS A 1631 11.70 12.94 -17.78
N HIS A 1631 11.58 12.85 -17.85
CA HIS A 1631 13.12 13.10 -18.01
CA HIS A 1631 13.03 13.03 -18.02
C HIS A 1631 13.95 12.69 -16.79
C HIS A 1631 13.91 12.71 -16.80
N VAL A 1632 13.31 12.27 -15.71
CA VAL A 1632 14.04 11.92 -14.49
C VAL A 1632 14.95 10.75 -14.84
N ARG A 1633 16.10 10.67 -14.18
CA ARG A 1633 17.06 9.64 -14.54
C ARG A 1633 16.55 8.28 -14.14
N TRP A 1634 17.02 7.25 -14.82
CA TRP A 1634 16.67 5.89 -14.49
C TRP A 1634 17.47 5.45 -13.26
N GLU A 1635 16.76 5.16 -12.19
CA GLU A 1635 17.37 4.76 -10.93
C GLU A 1635 16.40 3.82 -10.24
N ALA A 1636 16.59 3.70 -8.94
CA ALA A 1636 16.07 2.58 -8.17
C ALA A 1636 14.67 2.14 -8.59
N GLY A 1637 13.69 3.01 -8.49
CA GLY A 1637 12.36 2.54 -8.81
C GLY A 1637 11.91 2.75 -10.23
N ILE A 1638 12.67 3.50 -11.01
CA ILE A 1638 12.27 3.93 -12.35
C ILE A 1638 13.29 3.39 -13.34
N ASP A 1639 12.89 2.38 -14.11
CA ASP A 1639 13.72 1.77 -15.12
C ASP A 1639 12.94 1.70 -16.43
N ASP A 1640 13.50 1.05 -17.43
CA ASP A 1640 12.96 1.12 -18.78
C ASP A 1640 11.64 0.39 -18.96
N MET A 1641 10.97 0.02 -17.90
CA MET A 1641 9.69 -0.64 -17.99
C MET A 1641 8.66 -0.05 -17.05
N PHE A 1642 9.08 0.43 -15.89
CA PHE A 1642 8.24 1.10 -14.91
C PHE A 1642 8.78 2.53 -14.80
N ASN A 1643 8.18 3.43 -15.58
CA ASN A 1643 8.53 4.84 -15.55
C ASN A 1643 7.31 5.61 -16.01
N PHE A 1644 7.45 6.92 -16.19
CA PHE A 1644 6.35 7.80 -16.50
C PHE A 1644 6.45 8.39 -17.91
N GLN A 1645 6.98 7.62 -18.84
CA GLN A 1645 7.09 8.06 -20.22
C GLN A 1645 5.95 7.61 -21.10
N THR A 1646 4.92 6.97 -20.56
CA THR A 1646 3.85 6.44 -21.38
C THR A 1646 2.68 6.17 -20.45
N PHE A 1647 1.49 5.98 -21.03
CA PHE A 1647 0.33 5.73 -20.18
C PHE A 1647 0.32 4.30 -19.68
N ALA A 1648 0.82 3.36 -20.47
CA ALA A 1648 0.99 2.01 -19.97
C ALA A 1648 1.97 1.98 -18.80
N ASN A 1649 3.16 2.53 -18.98
CA ASN A 1649 4.16 2.52 -17.92
C ASN A 1649 3.70 3.29 -16.69
N SER A 1650 3.13 4.47 -16.88
CA SER A 1650 2.68 5.23 -15.74
C SER A 1650 1.56 4.53 -15.01
N MET A 1651 0.65 3.90 -15.72
CA MET A 1651 -0.41 3.19 -15.02
C MET A 1651 0.14 1.97 -14.30
N LEU A 1652 1.20 1.36 -14.83
CA LEU A 1652 1.92 0.31 -14.12
C LEU A 1652 2.44 0.78 -12.77
N CYS A 1653 3.19 1.89 -12.77
CA CYS A 1653 3.76 2.40 -11.53
C CYS A 1653 2.64 2.82 -10.56
N LEU A 1654 1.63 3.50 -11.06
CA LEU A 1654 0.55 3.94 -10.18
C LEU A 1654 -0.18 2.76 -9.56
N PHE A 1655 -0.29 1.64 -10.28
CA PHE A 1655 -0.94 0.49 -9.67
C PHE A 1655 -0.03 -0.20 -8.67
N GLN A 1656 1.27 -0.26 -8.97
CA GLN A 1656 2.22 -0.75 -7.99
C GLN A 1656 2.04 -0.05 -6.66
N ILE A 1657 1.90 1.29 -6.67
CA ILE A 1657 1.86 2.04 -5.41
C ILE A 1657 0.47 2.37 -4.91
N THR A 1658 -0.60 1.96 -5.59
CA THR A 1658 -1.93 2.11 -5.00
C THR A 1658 -2.02 1.45 -3.64
N THR A 1659 -1.32 0.33 -3.48
CA THR A 1659 -1.20 -0.37 -2.20
C THR A 1659 -0.08 0.18 -1.35
N SER A 1660 0.49 1.32 -1.71
CA SER A 1660 1.65 2.00 -1.12
C SER A 1660 2.89 1.17 -1.29
N ALA A 1661 2.90 0.18 -2.17
CA ALA A 1661 4.06 -0.69 -2.30
C ALA A 1661 5.14 -0.03 -3.14
N GLY A 1662 6.31 0.16 -2.56
CA GLY A 1662 7.45 0.55 -3.33
C GLY A 1662 7.44 1.99 -3.77
N TRP A 1663 6.63 2.83 -3.12
CA TRP A 1663 6.50 4.22 -3.54
C TRP A 1663 7.76 5.02 -3.22
N ASP A 1664 8.47 4.65 -2.17
CA ASP A 1664 9.77 5.26 -1.95
C ASP A 1664 10.73 4.89 -3.06
N GLY A 1665 10.47 3.77 -3.73
CA GLY A 1665 11.32 3.38 -4.82
C GLY A 1665 11.22 4.32 -6.00
N LEU A 1666 9.99 4.73 -6.34
CA LEU A 1666 9.79 5.68 -7.42
C LEU A 1666 10.22 7.07 -7.01
N LEU A 1667 9.93 7.47 -5.77
CA LEU A 1667 10.19 8.85 -5.37
C LEU A 1667 11.68 9.15 -5.33
N SER A 1668 12.52 8.14 -5.09
CA SER A 1668 13.93 8.40 -4.92
C SER A 1668 14.64 9.06 -6.11
N PRO A 1669 14.37 8.69 -7.37
CA PRO A 1669 15.07 9.41 -8.45
C PRO A 1669 14.52 10.80 -8.70
N ILE A 1670 13.36 11.13 -8.12
CA ILE A 1670 12.80 12.48 -8.24
C ILE A 1670 13.67 13.48 -7.51
N LEU A 1671 14.11 13.15 -6.29
CA LEU A 1671 14.78 14.11 -5.43
C LEU A 1671 16.16 14.47 -5.93
N ASN A 1672 16.63 13.81 -6.97
CA ASN A 1672 17.93 14.11 -7.57
C ASN A 1672 18.00 15.57 -7.94
N THR A 1673 19.14 16.22 -7.67
CA THR A 1673 19.30 17.63 -8.01
C THR A 1673 20.69 17.96 -8.51
N GLY A 1674 21.42 17.00 -9.04
CA GLY A 1674 22.75 17.28 -9.54
C GLY A 1674 23.71 16.16 -9.29
N PRO A 1675 24.96 16.33 -9.74
CA PRO A 1675 25.94 15.25 -9.67
C PRO A 1675 26.07 14.72 -8.25
N PRO A 1676 26.39 13.43 -8.09
CA PRO A 1676 26.62 12.45 -9.17
C PRO A 1676 25.37 11.88 -9.76
N TYR A 1677 24.24 12.09 -9.09
CA TYR A 1677 23.01 11.39 -9.45
C TYR A 1677 22.47 11.88 -10.80
N CYS A 1678 22.28 13.19 -10.97
CA CYS A 1678 21.84 13.66 -12.30
C CYS A 1678 22.80 14.65 -12.97
N ASP A 1679 22.69 14.81 -14.28
CA ASP A 1679 23.54 15.73 -15.01
C ASP A 1679 22.68 16.94 -15.36
N PRO A 1680 22.90 18.06 -14.67
CA PRO A 1680 21.99 19.19 -14.93
C PRO A 1680 22.33 20.01 -16.17
N ASN A 1681 23.35 19.59 -16.92
CA ASN A 1681 23.79 20.36 -18.08
C ASN A 1681 23.71 19.54 -19.36
N LEU A 1682 22.80 18.57 -19.39
CA LEU A 1682 22.69 17.72 -20.56
C LEU A 1682 22.29 18.55 -21.76
N PRO A 1683 22.99 18.38 -22.90
CA PRO A 1683 22.63 19.12 -24.12
C PRO A 1683 21.23 18.77 -24.61
N ASN A 1684 20.86 17.49 -24.53
CA ASN A 1684 19.54 17.07 -24.95
C ASN A 1684 18.53 17.16 -23.81
N SER A 1685 17.40 16.49 -23.96
CA SER A 1685 16.37 16.49 -22.92
C SER A 1685 16.03 17.87 -22.38
N ASN A 1686 15.37 18.71 -23.17
CA ASN A 1686 15.13 20.07 -22.71
C ASN A 1686 14.08 20.14 -21.62
N GLY A 1687 14.27 19.46 -20.48
CA GLY A 1687 13.29 19.47 -19.41
C GLY A 1687 13.73 20.33 -18.25
N THR A 1688 14.10 19.69 -17.14
CA THR A 1688 14.65 20.43 -16.01
C THR A 1688 16.11 20.74 -16.26
N ARG A 1689 16.50 20.83 -17.54
CA ARG A 1689 17.89 20.93 -17.96
C ARG A 1689 18.65 19.69 -17.50
N GLY A 1690 18.29 18.53 -18.02
CA GLY A 1690 18.98 17.33 -17.63
C GLY A 1690 18.07 16.36 -16.92
N ASP A 1691 18.66 15.31 -16.37
CA ASP A 1691 17.91 14.17 -15.84
C ASP A 1691 17.52 14.46 -14.40
N CYS A 1692 16.88 15.57 -14.06
CA CYS A 1692 16.56 15.78 -12.66
C CYS A 1692 15.10 15.93 -12.37
N GLY A 1693 14.72 15.44 -11.21
CA GLY A 1693 13.34 15.51 -10.83
C GLY A 1693 13.10 16.79 -10.08
N SER A 1694 11.88 16.98 -9.63
CA SER A 1694 11.48 18.20 -8.95
C SER A 1694 11.16 17.78 -7.53
N PRO A 1695 12.11 17.96 -6.62
CA PRO A 1695 11.87 17.52 -5.24
C PRO A 1695 10.61 18.09 -4.64
N ALA A 1696 10.27 19.34 -4.94
CA ALA A 1696 9.06 19.93 -4.38
C ALA A 1696 7.82 19.17 -4.85
N VAL A 1697 7.89 18.62 -6.06
CA VAL A 1697 6.71 18.08 -6.73
C VAL A 1697 6.60 16.58 -6.48
N GLY A 1698 7.74 15.90 -6.35
CA GLY A 1698 7.68 14.51 -5.96
C GLY A 1698 7.03 14.32 -4.61
N ILE A 1699 7.43 15.12 -3.63
CA ILE A 1699 6.98 14.93 -2.24
C ILE A 1699 5.50 15.22 -2.12
N ILE A 1700 4.90 15.87 -3.12
CA ILE A 1700 3.49 16.21 -3.01
C ILE A 1700 2.66 15.35 -3.95
N PHE A 1701 3.27 14.87 -5.04
CA PHE A 1701 2.61 13.86 -5.85
C PHE A 1701 2.57 12.53 -5.12
N PHE A 1702 3.71 12.09 -4.62
CA PHE A 1702 3.79 10.74 -4.06
C PHE A 1702 3.17 10.68 -2.68
N THR A 1703 3.25 11.77 -1.91
CA THR A 1703 2.70 11.75 -0.56
C THR A 1703 1.19 11.85 -0.57
N THR A 1704 0.63 12.84 -1.26
CA THR A 1704 -0.83 12.97 -1.28
C THR A 1704 -1.49 11.77 -1.92
N TYR A 1705 -0.85 11.16 -2.92
CA TYR A 1705 -1.49 10.03 -3.58
C TYR A 1705 -1.76 8.91 -2.60
N ILE A 1706 -0.75 8.48 -1.86
CA ILE A 1706 -0.90 7.36 -0.96
C ILE A 1706 -1.85 7.71 0.18
N ILE A 1707 -2.01 9.00 0.49
CA ILE A 1707 -3.04 9.38 1.45
C ILE A 1707 -4.42 9.28 0.81
N ILE A 1708 -4.57 9.70 -0.45
CA ILE A 1708 -5.89 9.63 -1.07
C ILE A 1708 -6.28 8.17 -1.33
N SER A 1709 -5.34 7.36 -1.83
CA SER A 1709 -5.63 5.94 -1.97
C SER A 1709 -5.95 5.31 -0.62
N PHE A 1710 -5.22 5.68 0.43
CA PHE A 1710 -5.51 5.19 1.78
C PHE A 1710 -6.94 5.48 2.18
N LEU A 1711 -7.40 6.72 2.02
CA LEU A 1711 -8.76 7.03 2.42
C LEU A 1711 -9.78 6.44 1.46
N ILE A 1712 -9.42 6.30 0.19
CA ILE A 1712 -10.32 5.63 -0.75
C ILE A 1712 -10.47 4.16 -0.37
N MET A 1713 -9.34 3.46 -0.18
CA MET A 1713 -9.36 2.06 0.19
C MET A 1713 -10.09 1.83 1.50
N VAL A 1714 -9.88 2.70 2.48
CA VAL A 1714 -10.54 2.53 3.78
C VAL A 1714 -12.04 2.40 3.59
N ASN A 1715 -12.60 3.08 2.59
CA ASN A 1715 -14.04 3.00 2.37
C ASN A 1715 -14.39 1.75 1.60
N MET A 1716 -13.39 1.13 0.98
CA MET A 1716 -13.56 -0.16 0.34
C MET A 1716 -13.61 -1.27 1.37
N TYR A 1717 -12.84 -1.12 2.46
CA TYR A 1717 -12.89 -2.04 3.57
C TYR A 1717 -14.27 -2.01 4.25
N ILE A 1718 -14.77 -0.81 4.56
CA ILE A 1718 -16.06 -0.69 5.24
C ILE A 1718 -17.18 -1.34 4.44
N ALA A 1719 -17.02 -1.47 3.13
CA ALA A 1719 -18.04 -2.13 2.34
C ALA A 1719 -18.11 -3.61 2.67
N VAL A 1720 -16.99 -4.32 2.50
CA VAL A 1720 -16.99 -5.77 2.69
C VAL A 1720 -17.15 -6.15 4.15
N ILE A 1721 -16.48 -5.44 5.07
CA ILE A 1721 -16.60 -5.77 6.48
C ILE A 1721 -18.05 -5.65 6.94
N LEU A 1722 -18.79 -4.70 6.40
CA LEU A 1722 -20.21 -4.62 6.75
C LEU A 1722 -21.03 -5.58 5.92
N GLU A 1723 -20.38 -6.32 5.01
CA GLU A 1723 -21.07 -7.37 4.27
C GLU A 1723 -20.95 -8.71 4.97
N ASN A 1724 -19.80 -8.96 5.60
CA ASN A 1724 -19.61 -10.21 6.34
C ASN A 1724 -20.55 -10.29 7.52
N PHE A 1725 -20.77 -9.15 8.20
CA PHE A 1725 -21.58 -9.14 9.40
C PHE A 1725 -23.00 -9.62 9.11
N ASN A 1726 -23.42 -9.55 7.86
CA ASN A 1726 -24.77 -9.94 7.48
C ASN A 1726 -24.75 -11.25 6.70
#